data_6K8W
#
_entry.id   6K8W
#
_cell.length_a   85.871
_cell.length_b   109.114
_cell.length_c   130.907
_cell.angle_alpha   90.000
_cell.angle_beta   90.000
_cell.angle_gamma   90.000
#
_symmetry.space_group_name_H-M   'P 21 21 21'
#
loop_
_entity.id
_entity.type
_entity.pdbx_description
1 polymer 'NAD-dependent epimerase/dehydratase:Short-chain dehydrogenase/reductase SDR'
2 non-polymer 'NADP NICOTINAMIDE-ADENINE-DINUCLEOTIDE PHOSPHATE'
3 non-polymer 'SULFATE ION'
4 water water
#
_entity_poly.entity_id   1
_entity_poly.type   'polypeptide(L)'
_entity_poly.pdbx_seq_one_letter_code
;MAKSKAAAAAPALQGDVPGRLAGKIAVVTGAAGNLGGHIVTHYLAEGATVVMTGRTPDRTKAAADALLKSTGADPSRLAT
VALDGGDIASVRAAIAEVVQKFGRIDILVNNAGSAGPKQPIENLPLSPEELAALQKTGSTDSETVADALRNIFGVAWNVA
RVAAPHIPEGGSIINVSTIFSRTPYYARAAYVVPKAAMNAWSRELSLELGPKGIRVNLVYPGPIESERIRSVFAAMDAAR
GDEAGTTATQFFDMMSLERATGGNEKAKTFPTPEDIATTCVFLGSDESAAYNGHDFEVTHGMSVRKEQRSTYLARPTMRS
MDGTGLAVLIAAGDDWEEALEIAQVQLACGAQVVLGLPRAADVAIAEKRCKALGLTEGLSIIRFSRKDPAAMEAALEEYT
RGGTPISGALFMPALGAGELSGAVTEAEDNAVEALMDAELAGNMALARTMSRYWKRHDNLLQPPRFVFVSHASDGKGDIY
GHILRAATEQLIRIWRDESEIDTAHGRRRQAEWGNQIVRFTNTEAENIRFTAGHAARILLKESKLGEITLYVPANIGEAT
GARKAMPLEHHHHHH
;
_entity_poly.pdbx_strand_id   A,B
#
# COMPACT_ATOMS: atom_id res chain seq x y z
N PRO A 18 15.12 10.17 -33.63
CA PRO A 18 14.48 11.38 -33.05
C PRO A 18 14.46 11.35 -31.51
N GLY A 19 14.55 12.52 -30.87
CA GLY A 19 14.61 12.69 -29.40
C GLY A 19 13.41 12.08 -28.69
N ARG A 20 13.63 11.24 -27.68
CA ARG A 20 12.57 10.60 -26.85
C ARG A 20 11.72 11.63 -26.08
N LEU A 21 12.14 12.89 -26.01
CA LEU A 21 11.36 14.02 -25.46
C LEU A 21 11.23 15.12 -26.54
N ALA A 22 11.40 14.76 -27.81
CA ALA A 22 11.45 15.73 -28.92
C ALA A 22 10.26 16.69 -28.80
N GLY A 23 10.54 18.01 -28.83
CA GLY A 23 9.53 19.09 -28.80
C GLY A 23 8.83 19.23 -27.45
N LYS A 24 9.53 19.02 -26.34
CA LYS A 24 8.96 19.20 -24.97
C LYS A 24 9.70 20.32 -24.21
N ILE A 25 9.00 21.38 -23.84
CA ILE A 25 9.53 22.42 -22.92
C ILE A 25 9.48 21.84 -21.51
N ALA A 26 10.64 21.64 -20.86
CA ALA A 26 10.74 21.16 -19.46
C ALA A 26 10.99 22.34 -18.52
N VAL A 27 10.61 22.21 -17.24
CA VAL A 27 10.99 23.16 -16.15
C VAL A 27 11.51 22.36 -14.94
N VAL A 28 12.82 22.36 -14.67
CA VAL A 28 13.45 21.53 -13.60
C VAL A 28 13.92 22.43 -12.45
N THR A 29 13.23 22.39 -11.30
CA THR A 29 13.49 23.28 -10.13
C THR A 29 14.62 22.70 -9.27
N GLY A 30 15.54 23.56 -8.80
CA GLY A 30 16.85 23.21 -8.21
C GLY A 30 17.69 22.38 -9.18
N ALA A 31 17.93 22.90 -10.39
CA ALA A 31 18.66 22.20 -11.46
C ALA A 31 20.18 22.35 -11.27
N ALA A 32 20.60 23.16 -10.28
CA ALA A 32 22.02 23.37 -9.95
C ALA A 32 22.61 22.20 -9.14
N GLY A 33 21.77 21.38 -8.47
CA GLY A 33 22.17 20.30 -7.54
C GLY A 33 22.51 19.01 -8.25
N ASN A 34 22.95 18.00 -7.51
CA ASN A 34 23.53 16.72 -8.02
C ASN A 34 22.61 16.11 -9.09
N LEU A 35 21.35 15.85 -8.71
CA LEU A 35 20.32 15.20 -9.56
C LEU A 35 19.90 16.20 -10.63
N GLY A 36 19.67 17.45 -10.22
CA GLY A 36 19.31 18.56 -11.12
C GLY A 36 20.20 18.56 -12.34
N GLY A 37 21.51 18.42 -12.15
CA GLY A 37 22.42 18.38 -13.30
C GLY A 37 22.13 17.19 -14.16
N HIS A 38 21.89 16.04 -13.54
CA HIS A 38 21.61 14.77 -14.25
C HIS A 38 20.28 14.81 -14.99
N ILE A 39 19.26 15.41 -14.38
CA ILE A 39 17.94 15.46 -15.07
C ILE A 39 18.08 16.31 -16.33
N VAL A 40 18.72 17.48 -16.21
CA VAL A 40 18.88 18.39 -17.38
C VAL A 40 19.75 17.72 -18.45
N THR A 41 20.79 17.01 -18.04
CA THR A 41 21.69 16.38 -19.03
C THR A 41 20.95 15.33 -19.87
N HIS A 42 20.17 14.45 -19.25
CA HIS A 42 19.44 13.42 -20.02
C HIS A 42 18.37 14.09 -20.87
N TYR A 43 17.72 15.11 -20.31
CA TYR A 43 16.60 15.81 -21.00
C TYR A 43 17.10 16.43 -22.30
N LEU A 44 18.27 17.06 -22.26
CA LEU A 44 18.85 17.69 -23.47
C LEU A 44 19.19 16.61 -24.49
N ALA A 45 19.67 15.46 -24.04
CA ALA A 45 20.05 14.35 -24.94
C ALA A 45 18.81 13.89 -25.71
N GLU A 46 17.67 13.77 -25.03
CA GLU A 46 16.42 13.33 -25.68
C GLU A 46 15.67 14.54 -26.24
N GLY A 47 16.41 15.58 -26.66
CA GLY A 47 15.90 16.68 -27.51
C GLY A 47 14.97 17.62 -26.77
N ALA A 48 14.97 17.57 -25.44
CA ALA A 48 14.17 18.46 -24.58
C ALA A 48 14.70 19.88 -24.71
N THR A 49 13.80 20.85 -24.61
CA THR A 49 14.09 22.26 -24.30
C THR A 49 13.86 22.49 -22.80
N VAL A 50 14.94 22.78 -22.08
CA VAL A 50 14.99 22.79 -20.59
C VAL A 50 14.99 24.23 -20.10
N VAL A 51 14.24 24.50 -19.04
CA VAL A 51 14.39 25.74 -18.23
C VAL A 51 14.91 25.33 -16.85
N MET A 52 16.20 25.55 -16.63
CA MET A 52 16.85 25.47 -15.29
C MET A 52 16.27 26.56 -14.39
N THR A 53 16.34 26.35 -13.07
CA THR A 53 15.60 27.10 -12.04
C THR A 53 16.41 27.18 -10.75
N GLY A 54 16.21 28.23 -9.94
CA GLY A 54 16.87 28.32 -8.63
C GLY A 54 16.99 29.75 -8.15
N ARG A 55 17.08 29.92 -6.83
CA ARG A 55 16.98 31.21 -6.10
C ARG A 55 18.21 32.08 -6.38
N THR A 56 19.35 31.45 -6.70
CA THR A 56 20.68 32.10 -6.90
C THR A 56 21.01 32.08 -8.38
N PRO A 57 20.85 33.23 -9.09
CA PRO A 57 21.10 33.29 -10.53
C PRO A 57 22.54 32.97 -10.92
N ASP A 58 23.50 33.52 -10.17
CA ASP A 58 24.95 33.25 -10.37
C ASP A 58 25.16 31.73 -10.38
N ARG A 59 24.69 31.03 -9.34
CA ARG A 59 24.69 29.55 -9.18
C ARG A 59 24.08 28.93 -10.44
N THR A 60 22.77 29.15 -10.62
CA THR A 60 21.96 28.63 -11.74
C THR A 60 22.75 28.71 -13.05
N LYS A 61 23.36 29.87 -13.33
CA LYS A 61 23.98 30.20 -14.64
C LYS A 61 25.32 29.47 -14.79
N ALA A 62 26.15 29.48 -13.74
CA ALA A 62 27.41 28.72 -13.69
C ALA A 62 27.08 27.29 -14.09
N ALA A 63 26.04 26.74 -13.48
CA ALA A 63 25.57 25.36 -13.72
C ALA A 63 25.26 25.18 -15.21
N ALA A 64 24.48 26.11 -15.76
CA ALA A 64 24.05 26.12 -17.17
C ALA A 64 25.29 26.01 -18.07
N ASP A 65 26.31 26.84 -17.81
CA ASP A 65 27.55 26.88 -18.61
C ASP A 65 28.20 25.49 -18.58
N ALA A 66 28.33 24.91 -17.37
CA ALA A 66 28.87 23.55 -17.11
C ALA A 66 28.20 22.53 -18.04
N LEU A 67 26.85 22.54 -18.05
CA LEU A 67 25.98 21.54 -18.74
C LEU A 67 25.96 21.77 -20.25
N LEU A 68 26.23 23.00 -20.69
CA LEU A 68 26.24 23.37 -22.13
C LEU A 68 27.54 22.87 -22.77
N LYS A 69 28.62 22.82 -21.99
CA LYS A 69 29.92 22.27 -22.42
C LYS A 69 29.85 20.74 -22.39
N SER A 70 29.52 20.16 -21.24
CA SER A 70 29.55 18.70 -20.98
C SER A 70 28.63 17.95 -21.96
N THR A 71 27.52 18.57 -22.40
CA THR A 71 26.61 18.04 -23.46
C THR A 71 26.57 19.01 -24.63
N GLY A 72 26.65 18.52 -25.86
CA GLY A 72 26.87 19.34 -27.06
C GLY A 72 25.70 20.27 -27.34
N ALA A 73 24.91 20.62 -26.30
CA ALA A 73 23.54 21.17 -26.42
C ALA A 73 23.56 22.60 -26.93
N ASP A 74 22.76 22.88 -27.97
CA ASP A 74 22.53 24.24 -28.52
C ASP A 74 22.12 25.17 -27.37
N PRO A 75 22.76 26.36 -27.19
CA PRO A 75 22.41 27.24 -26.08
C PRO A 75 20.99 27.83 -26.17
N SER A 76 20.33 27.72 -27.32
CA SER A 76 18.88 28.01 -27.47
C SER A 76 18.11 27.02 -26.60
N ARG A 77 18.46 25.74 -26.71
CA ARG A 77 17.74 24.55 -26.14
C ARG A 77 17.93 24.45 -24.62
N LEU A 78 18.48 25.47 -23.96
CA LEU A 78 18.60 25.58 -22.47
C LEU A 78 18.36 27.04 -22.08
N ALA A 79 17.83 27.28 -20.87
CA ALA A 79 17.70 28.62 -20.26
C ALA A 79 17.62 28.48 -18.73
N THR A 80 17.84 29.59 -18.01
CA THR A 80 17.76 29.66 -16.53
C THR A 80 16.65 30.63 -16.14
N VAL A 81 16.21 30.59 -14.89
CA VAL A 81 15.21 31.54 -14.32
C VAL A 81 15.36 31.51 -12.80
N ALA A 82 15.15 32.64 -12.14
CA ALA A 82 15.25 32.76 -10.67
C ALA A 82 13.85 32.61 -10.09
N LEU A 83 13.69 31.76 -9.05
CA LEU A 83 12.45 31.68 -8.23
C LEU A 83 12.75 31.06 -6.86
N ASP A 84 12.33 31.73 -5.79
CA ASP A 84 12.31 31.16 -4.40
C ASP A 84 10.87 30.70 -4.13
N GLY A 85 10.69 29.42 -3.80
CA GLY A 85 9.37 28.78 -3.64
C GLY A 85 8.58 29.32 -2.47
N GLY A 86 9.25 29.68 -1.38
CA GLY A 86 8.62 30.29 -0.18
C GLY A 86 7.96 31.61 -0.51
N ASP A 87 8.37 32.22 -1.65
CA ASP A 87 7.95 33.55 -2.14
C ASP A 87 7.18 33.41 -3.47
N ILE A 88 5.84 33.49 -3.41
CA ILE A 88 4.92 33.15 -4.54
C ILE A 88 5.07 34.17 -5.67
N ALA A 89 5.24 35.45 -5.34
CA ALA A 89 5.47 36.54 -6.32
C ALA A 89 6.61 36.12 -7.28
N SER A 90 7.78 35.83 -6.69
CA SER A 90 9.01 35.33 -7.36
C SER A 90 8.63 34.25 -8.37
N VAL A 91 7.80 33.30 -7.93
CA VAL A 91 7.37 32.10 -8.71
C VAL A 91 6.48 32.56 -9.85
N ARG A 92 5.53 33.46 -9.57
CA ARG A 92 4.55 33.91 -10.61
C ARG A 92 5.33 34.57 -11.75
N ALA A 93 6.27 35.44 -11.42
CA ALA A 93 7.16 36.08 -12.40
C ALA A 93 7.86 35.00 -13.25
N ALA A 94 8.52 34.05 -12.60
CA ALA A 94 9.42 33.06 -13.25
C ALA A 94 8.67 32.35 -14.38
N ILE A 95 7.53 31.71 -14.08
CA ILE A 95 6.74 30.94 -15.09
C ILE A 95 6.33 31.90 -16.21
N ALA A 96 5.97 33.13 -15.84
CA ALA A 96 5.56 34.21 -16.77
C ALA A 96 6.60 34.40 -17.89
N GLU A 97 7.88 34.49 -17.53
CA GLU A 97 9.00 34.52 -18.52
C GLU A 97 9.00 33.20 -19.31
N VAL A 98 8.93 32.07 -18.61
CA VAL A 98 9.01 30.73 -19.29
C VAL A 98 7.91 30.70 -20.34
N VAL A 99 6.68 31.03 -19.91
CA VAL A 99 5.48 31.08 -20.78
C VAL A 99 5.80 31.99 -21.96
N GLN A 100 6.04 33.28 -21.67
CA GLN A 100 6.44 34.32 -22.65
C GLN A 100 7.41 33.71 -23.66
N LYS A 101 8.51 33.11 -23.20
CA LYS A 101 9.62 32.63 -24.07
C LYS A 101 9.08 31.51 -24.98
N PHE A 102 8.61 30.39 -24.41
CA PHE A 102 8.32 29.14 -25.16
C PHE A 102 6.83 28.89 -25.40
N GLY A 103 5.93 29.45 -24.58
CA GLY A 103 4.49 29.46 -24.85
C GLY A 103 3.71 28.51 -23.96
N ARG A 104 4.38 27.54 -23.33
CA ARG A 104 3.76 26.45 -22.54
C ARG A 104 4.80 25.73 -21.66
N ILE A 105 4.34 24.85 -20.77
CA ILE A 105 5.19 23.88 -20.02
C ILE A 105 4.69 22.49 -20.34
N ASP A 106 5.51 21.62 -20.93
CA ASP A 106 5.14 20.21 -21.15
C ASP A 106 5.36 19.48 -19.82
N ILE A 107 6.57 19.55 -19.27
CA ILE A 107 7.03 18.73 -18.10
C ILE A 107 7.48 19.67 -16.99
N LEU A 108 7.11 19.40 -15.74
CA LEU A 108 7.54 20.19 -14.56
C LEU A 108 8.12 19.25 -13.52
N VAL A 109 9.44 19.30 -13.34
CA VAL A 109 10.11 18.41 -12.35
C VAL A 109 10.26 19.20 -11.05
N ASN A 110 9.61 18.75 -9.98
CA ASN A 110 9.73 19.43 -8.66
C ASN A 110 10.89 18.83 -7.88
N ASN A 111 12.11 18.98 -8.40
CA ASN A 111 13.38 18.51 -7.80
C ASN A 111 13.76 19.37 -6.60
N ALA A 112 13.26 20.59 -6.56
CA ALA A 112 13.62 21.55 -5.50
C ALA A 112 13.21 21.02 -4.13
N GLY A 113 14.21 20.96 -3.26
CA GLY A 113 14.11 20.56 -1.85
C GLY A 113 15.43 20.88 -1.18
N SER A 114 15.45 21.00 0.14
CA SER A 114 16.74 21.26 0.82
C SER A 114 16.82 20.32 2.00
N ALA A 115 17.99 19.73 2.29
CA ALA A 115 18.09 18.89 3.50
C ALA A 115 17.77 19.83 4.67
N GLY A 116 16.92 19.40 5.59
CA GLY A 116 16.42 20.31 6.64
C GLY A 116 17.53 20.63 7.62
N PRO A 117 17.26 21.27 8.78
CA PRO A 117 18.17 21.17 9.93
C PRO A 117 18.35 19.67 10.21
N LYS A 118 19.60 19.27 10.49
CA LYS A 118 19.96 17.87 10.81
C LYS A 118 19.97 17.74 12.34
N GLN A 119 18.81 17.90 12.94
CA GLN A 119 18.66 18.03 14.40
C GLN A 119 17.55 17.10 14.89
N PRO A 120 17.77 16.36 16.00
CA PRO A 120 16.77 15.45 16.52
C PRO A 120 15.56 16.20 17.10
N ILE A 121 14.36 15.65 16.91
CA ILE A 121 13.08 16.28 17.34
C ILE A 121 13.35 17.14 18.58
N GLU A 122 13.99 16.57 19.60
CA GLU A 122 14.24 17.23 20.91
C GLU A 122 14.94 18.59 20.73
N ASN A 123 15.82 18.72 19.72
CA ASN A 123 16.69 19.92 19.50
C ASN A 123 16.33 20.64 18.19
N LEU A 124 15.08 20.58 17.72
CA LEU A 124 14.64 21.25 16.48
C LEU A 124 14.65 22.76 16.67
N PRO A 125 15.30 23.52 15.75
CA PRO A 125 15.32 24.98 15.77
C PRO A 125 14.16 25.67 15.05
N LEU A 126 13.32 26.39 15.79
CA LEU A 126 12.03 26.94 15.27
C LEU A 126 12.14 28.44 14.95
N SER A 127 12.79 29.21 15.82
CA SER A 127 12.91 30.69 15.73
C SER A 127 14.35 31.09 15.38
N PRO A 128 14.57 32.12 14.52
CA PRO A 128 15.89 32.43 13.97
C PRO A 128 17.04 32.36 14.99
N GLU A 129 16.84 32.96 16.16
CA GLU A 129 17.77 32.97 17.33
C GLU A 129 18.25 31.54 17.65
N GLU A 130 17.35 30.57 17.74
CA GLU A 130 17.68 29.15 17.98
C GLU A 130 18.67 28.66 16.91
N LEU A 131 18.45 29.01 15.63
CA LEU A 131 19.32 28.59 14.49
C LEU A 131 20.71 29.23 14.61
N ALA A 132 20.80 30.47 15.10
CA ALA A 132 22.06 31.21 15.33
C ALA A 132 22.86 30.58 16.47
N ALA A 133 22.17 30.14 17.54
CA ALA A 133 22.76 29.37 18.67
C ALA A 133 23.36 28.04 18.17
N LEU A 134 22.88 27.51 17.05
CA LEU A 134 23.43 26.26 16.42
C LEU A 134 24.67 26.58 15.59
N GLN A 135 24.69 27.72 14.88
CA GLN A 135 25.73 28.04 13.86
C GLN A 135 27.04 28.39 14.57
N LYS A 136 26.98 28.96 15.79
CA LYS A 136 28.17 29.22 16.65
C LYS A 136 28.64 27.90 17.28
N THR A 137 28.12 26.75 16.82
CA THR A 137 28.44 25.39 17.36
C THR A 137 29.14 24.54 16.27
N GLY A 138 29.48 25.14 15.13
CA GLY A 138 30.07 24.41 14.00
C GLY A 138 29.19 23.25 13.55
N SER A 139 27.86 23.46 13.53
CA SER A 139 26.87 22.56 12.88
C SER A 139 26.46 23.20 11.55
N THR A 140 26.29 22.38 10.50
CA THR A 140 26.02 22.79 9.09
C THR A 140 24.57 23.27 8.90
N ASP A 141 23.76 23.32 9.97
CA ASP A 141 22.35 23.80 9.91
C ASP A 141 22.35 25.24 9.42
N SER A 142 21.58 25.52 8.38
CA SER A 142 21.39 26.86 7.75
C SER A 142 19.93 27.31 7.87
N GLU A 143 19.02 26.44 8.34
CA GLU A 143 17.55 26.52 8.09
C GLU A 143 16.75 26.37 9.39
N THR A 144 15.72 27.20 9.57
CA THR A 144 14.68 27.00 10.63
C THR A 144 13.76 25.87 10.14
N VAL A 145 12.89 25.34 10.99
CA VAL A 145 11.90 24.29 10.59
C VAL A 145 11.02 24.86 9.48
N ALA A 146 10.31 25.95 9.80
CA ALA A 146 9.52 26.77 8.85
C ALA A 146 10.25 26.86 7.51
N ASP A 147 11.55 27.16 7.51
CA ASP A 147 12.38 27.40 6.29
C ASP A 147 12.44 26.11 5.47
N ALA A 148 12.75 24.97 6.12
CA ALA A 148 12.81 23.61 5.53
C ALA A 148 11.46 23.25 4.90
N LEU A 149 10.38 23.59 5.60
CA LEU A 149 9.00 23.37 5.10
C LEU A 149 8.89 24.04 3.73
N ARG A 150 9.19 25.33 3.71
CA ARG A 150 9.05 26.19 2.49
C ARG A 150 10.02 25.71 1.43
N ASN A 151 11.17 25.20 1.87
CA ASN A 151 12.30 24.79 0.99
C ASN A 151 12.03 23.39 0.37
N ILE A 152 11.21 22.55 1.01
CA ILE A 152 10.90 21.18 0.51
C ILE A 152 9.47 21.07 -0.01
N PHE A 153 8.50 21.61 0.76
CA PHE A 153 7.04 21.48 0.56
C PHE A 153 6.46 22.72 -0.13
N GLY A 154 6.68 23.92 0.43
CA GLY A 154 6.23 25.19 -0.17
C GLY A 154 6.44 25.22 -1.68
N VAL A 155 7.71 25.13 -2.13
CA VAL A 155 8.20 25.18 -3.55
C VAL A 155 7.35 24.29 -4.47
N ALA A 156 7.28 23.02 -4.14
CA ALA A 156 6.57 22.00 -4.92
C ALA A 156 5.12 22.45 -5.15
N TRP A 157 4.46 22.91 -4.08
CA TRP A 157 3.04 23.37 -4.08
C TRP A 157 2.87 24.56 -5.01
N ASN A 158 3.75 25.56 -4.88
CA ASN A 158 3.65 26.89 -5.53
C ASN A 158 4.09 26.82 -6.99
N VAL A 159 5.24 26.22 -7.27
CA VAL A 159 5.69 25.99 -8.67
C VAL A 159 4.58 25.26 -9.45
N ALA A 160 4.07 24.16 -8.91
CA ALA A 160 3.09 23.32 -9.61
C ALA A 160 1.84 24.15 -9.86
N ARG A 161 1.28 24.74 -8.81
CA ARG A 161 -0.04 25.40 -8.90
C ARG A 161 0.02 26.56 -9.90
N VAL A 162 1.17 27.23 -10.03
CA VAL A 162 1.38 28.33 -11.03
C VAL A 162 1.61 27.73 -12.43
N ALA A 163 2.32 26.61 -12.55
CA ALA A 163 2.65 25.98 -13.85
C ALA A 163 1.40 25.38 -14.48
N ALA A 164 0.47 24.84 -13.68
CA ALA A 164 -0.70 24.07 -14.16
C ALA A 164 -1.38 24.77 -15.34
N PRO A 165 -1.92 25.99 -15.18
CA PRO A 165 -2.69 26.63 -16.24
C PRO A 165 -2.04 26.53 -17.62
N HIS A 166 -0.70 26.57 -17.69
CA HIS A 166 0.09 26.67 -18.95
C HIS A 166 0.54 25.27 -19.39
N ILE A 167 0.19 24.24 -18.61
CA ILE A 167 0.46 22.82 -18.98
C ILE A 167 -0.68 22.31 -19.85
N PRO A 168 -0.38 21.87 -21.09
CA PRO A 168 -1.42 21.39 -21.99
C PRO A 168 -1.76 19.96 -21.58
N GLU A 169 -2.81 19.39 -22.18
CA GLU A 169 -3.23 17.98 -21.95
C GLU A 169 -2.16 17.04 -22.54
N GLY A 170 -1.99 15.89 -21.89
CA GLY A 170 -0.87 14.95 -22.08
C GLY A 170 0.34 15.38 -21.27
N GLY A 171 0.19 16.46 -20.48
CA GLY A 171 1.26 17.09 -19.66
C GLY A 171 1.73 16.15 -18.57
N SER A 172 3.01 16.28 -18.17
CA SER A 172 3.69 15.54 -17.07
C SER A 172 4.11 16.53 -15.97
N ILE A 173 3.59 16.38 -14.74
CA ILE A 173 4.28 16.87 -13.51
C ILE A 173 4.95 15.64 -12.91
N ILE A 174 6.19 15.82 -12.44
CA ILE A 174 6.99 14.84 -11.67
C ILE A 174 7.30 15.52 -10.33
N ASN A 175 7.15 14.78 -9.24
CA ASN A 175 7.48 15.36 -7.91
C ASN A 175 8.59 14.52 -7.30
N VAL A 176 9.72 15.12 -6.97
CA VAL A 176 10.83 14.32 -6.40
C VAL A 176 10.81 14.46 -4.88
N SER A 177 10.63 13.32 -4.19
CA SER A 177 10.61 13.24 -2.71
C SER A 177 11.67 12.23 -2.30
N THR A 178 11.52 11.63 -1.12
CA THR A 178 12.51 10.63 -0.67
C THR A 178 11.80 9.39 -0.14
N ILE A 179 12.47 8.24 -0.20
CA ILE A 179 11.92 6.99 0.36
C ILE A 179 11.87 7.20 1.87
N PHE A 180 12.89 7.90 2.36
CA PHE A 180 13.10 8.20 3.81
C PHE A 180 11.90 9.00 4.34
N SER A 181 10.95 9.41 3.49
CA SER A 181 9.71 10.10 3.95
C SER A 181 8.73 9.08 4.54
N ARG A 182 8.96 7.79 4.30
CA ARG A 182 8.08 6.70 4.78
C ARG A 182 8.87 5.77 5.72
N THR A 183 10.15 6.03 5.90
CA THR A 183 11.00 5.18 6.77
C THR A 183 11.64 6.07 7.84
N PRO A 184 12.05 5.52 9.00
CA PRO A 184 12.68 6.31 10.03
C PRO A 184 14.01 6.91 9.53
N TYR A 185 14.25 8.18 9.88
CA TYR A 185 15.50 8.92 9.58
C TYR A 185 15.86 9.57 10.92
N TYR A 186 17.10 9.43 11.40
CA TYR A 186 17.40 9.97 12.74
C TYR A 186 17.76 11.45 12.69
N ALA A 187 17.11 12.23 13.56
CA ALA A 187 17.34 13.69 13.70
C ALA A 187 17.16 14.37 12.35
N ARG A 188 16.23 13.85 11.55
CA ARG A 188 15.91 14.39 10.20
C ARG A 188 14.38 14.60 10.10
N ALA A 189 13.76 15.01 11.19
CA ALA A 189 12.30 15.25 11.29
C ALA A 189 11.88 16.32 10.27
N ALA A 190 12.65 17.43 10.19
CA ALA A 190 12.32 18.59 9.34
C ALA A 190 12.59 18.30 7.86
N TYR A 191 13.31 17.22 7.51
CA TYR A 191 13.42 16.75 6.11
C TYR A 191 12.20 15.89 5.77
N VAL A 192 11.93 14.86 6.57
CA VAL A 192 10.98 13.79 6.17
C VAL A 192 9.53 14.24 6.35
N VAL A 193 9.21 15.07 7.35
CA VAL A 193 7.79 15.47 7.62
C VAL A 193 7.24 16.22 6.40
N PRO A 194 7.90 17.32 5.95
CA PRO A 194 7.53 18.00 4.71
C PRO A 194 7.60 17.11 3.46
N LYS A 195 8.61 16.25 3.36
CA LYS A 195 8.63 15.26 2.24
C LYS A 195 7.35 14.41 2.30
N ALA A 196 6.83 14.09 3.50
CA ALA A 196 5.62 13.26 3.74
C ALA A 196 4.36 13.99 3.28
N ALA A 197 4.14 15.22 3.73
CA ALA A 197 3.08 16.13 3.23
C ALA A 197 3.11 16.13 1.69
N MET A 198 4.30 16.20 1.11
CA MET A 198 4.54 16.33 -0.36
C MET A 198 4.04 15.08 -1.11
N ASN A 199 4.20 13.88 -0.53
CA ASN A 199 3.66 12.61 -1.08
C ASN A 199 2.13 12.75 -1.20
N ALA A 200 1.49 13.10 -0.08
CA ALA A 200 0.03 13.26 0.07
C ALA A 200 -0.44 14.48 -0.70
N TRP A 201 0.38 15.53 -0.83
CA TRP A 201 0.08 16.68 -1.73
C TRP A 201 -0.06 16.16 -3.17
N SER A 202 1.01 15.55 -3.72
CA SER A 202 1.07 15.04 -5.11
C SER A 202 -0.21 14.27 -5.40
N ARG A 203 -0.55 13.30 -4.54
CA ARG A 203 -1.80 12.49 -4.62
C ARG A 203 -2.97 13.43 -4.99
N GLU A 204 -3.25 14.43 -4.15
CA GLU A 204 -4.35 15.40 -4.36
C GLU A 204 -4.23 16.10 -5.71
N LEU A 205 -3.01 16.46 -6.11
CA LEU A 205 -2.75 17.13 -7.42
C LEU A 205 -2.93 16.10 -8.54
N SER A 206 -2.58 14.84 -8.31
CA SER A 206 -2.89 13.70 -9.21
C SER A 206 -4.38 13.74 -9.59
N LEU A 207 -5.26 13.93 -8.60
CA LEU A 207 -6.76 13.84 -8.71
C LEU A 207 -7.35 15.10 -9.32
N GLU A 208 -6.85 16.27 -8.92
CA GLU A 208 -7.40 17.59 -9.31
C GLU A 208 -7.04 17.92 -10.76
N LEU A 209 -5.83 17.59 -11.23
CA LEU A 209 -5.37 17.89 -12.61
C LEU A 209 -5.73 16.73 -13.53
N GLY A 210 -5.52 15.49 -13.09
CA GLY A 210 -5.73 14.27 -13.91
C GLY A 210 -6.98 14.34 -14.80
N PRO A 211 -8.10 14.90 -14.29
CA PRO A 211 -9.27 15.21 -15.11
C PRO A 211 -9.00 16.14 -16.29
N LYS A 212 -7.91 16.93 -16.23
CA LYS A 212 -7.43 17.80 -17.34
C LYS A 212 -6.42 17.04 -18.24
N GLY A 213 -6.16 15.75 -17.97
CA GLY A 213 -5.16 14.96 -18.70
C GLY A 213 -3.72 15.38 -18.41
N ILE A 214 -3.48 16.02 -17.26
CA ILE A 214 -2.14 16.41 -16.73
C ILE A 214 -1.70 15.39 -15.68
N ARG A 215 -0.85 14.41 -16.03
CA ARG A 215 -0.48 13.28 -15.15
C ARG A 215 0.52 13.75 -14.07
N VAL A 216 0.27 13.43 -12.78
CA VAL A 216 1.07 13.92 -11.61
C VAL A 216 1.60 12.74 -10.80
N ASN A 217 2.77 12.24 -11.18
CA ASN A 217 3.42 11.06 -10.55
C ASN A 217 4.50 11.55 -9.58
N LEU A 218 5.14 10.60 -8.88
CA LEU A 218 5.86 10.81 -7.59
C LEU A 218 7.05 9.85 -7.51
N VAL A 219 8.26 10.39 -7.71
CA VAL A 219 9.55 9.65 -7.69
C VAL A 219 10.03 9.62 -6.23
N TYR A 220 10.37 8.43 -5.75
CA TYR A 220 10.99 8.20 -4.42
C TYR A 220 12.43 7.72 -4.61
N PRO A 221 13.39 8.66 -4.68
CA PRO A 221 14.80 8.27 -4.64
C PRO A 221 15.09 7.62 -3.28
N GLY A 222 15.91 6.55 -3.30
CA GLY A 222 16.58 5.99 -2.11
C GLY A 222 17.76 6.87 -1.70
N PRO A 223 18.73 6.36 -0.91
CA PRO A 223 20.03 7.01 -0.80
C PRO A 223 20.76 6.99 -2.17
N ILE A 224 21.22 8.15 -2.66
CA ILE A 224 21.81 8.31 -4.03
C ILE A 224 23.35 8.32 -3.94
N GLU A 225 24.01 7.45 -4.71
CA GLU A 225 25.47 7.17 -4.70
C GLU A 225 26.20 8.51 -4.81
N SER A 226 26.98 8.82 -3.78
CA SER A 226 27.97 9.93 -3.73
C SER A 226 29.20 9.40 -2.98
N GLU A 227 30.18 10.27 -2.73
CA GLU A 227 31.23 10.02 -1.71
C GLU A 227 30.78 10.66 -0.40
N ARG A 228 30.01 11.74 -0.50
CA ARG A 228 29.50 12.56 0.63
C ARG A 228 28.47 11.77 1.45
N ILE A 229 27.50 11.12 0.79
CA ILE A 229 26.36 10.46 1.49
C ILE A 229 26.88 9.24 2.27
N ARG A 230 27.87 8.50 1.73
CA ARG A 230 28.41 7.26 2.36
C ARG A 230 29.10 7.63 3.69
N SER A 231 29.53 8.89 3.83
CA SER A 231 30.12 9.46 5.07
C SER A 231 29.05 10.18 5.90
N VAL A 232 27.96 10.66 5.29
CA VAL A 232 26.81 11.31 6.01
C VAL A 232 26.07 10.26 6.85
N PHE A 233 26.20 8.97 6.50
CA PHE A 233 25.67 7.81 7.27
C PHE A 233 26.64 7.47 8.42
N ALA A 234 27.95 7.47 8.15
CA ALA A 234 29.02 7.52 9.18
C ALA A 234 28.75 8.72 10.12
N ALA A 235 28.25 9.85 9.58
CA ALA A 235 27.89 11.07 10.34
C ALA A 235 26.68 10.79 11.24
N MET A 236 25.50 10.63 10.64
CA MET A 236 24.28 10.16 11.34
C MET A 236 24.69 9.12 12.41
N ASP A 237 25.35 8.03 12.00
CA ASP A 237 25.80 6.90 12.89
C ASP A 237 26.39 7.42 14.20
N ALA A 238 27.15 8.53 14.14
CA ALA A 238 27.88 9.16 15.26
C ALA A 238 26.88 9.84 16.21
N ALA A 239 25.87 10.50 15.65
CA ALA A 239 24.83 11.27 16.39
C ALA A 239 23.98 10.35 17.27
N ARG A 240 23.63 9.16 16.78
CA ARG A 240 22.82 8.16 17.54
C ARG A 240 23.76 7.46 18.53
N GLY A 241 24.98 7.14 18.11
CA GLY A 241 25.99 6.41 18.90
C GLY A 241 26.00 4.92 18.58
N ASP A 242 25.61 4.55 17.36
CA ASP A 242 25.81 3.19 16.85
C ASP A 242 27.14 3.16 16.11
N GLU A 243 27.65 1.95 15.89
CA GLU A 243 28.92 1.70 15.16
C GLU A 243 28.75 2.26 13.75
N ALA A 244 29.82 2.75 13.12
CA ALA A 244 29.81 3.34 11.76
C ALA A 244 29.51 2.25 10.72
N GLY A 245 28.58 2.52 9.81
CA GLY A 245 28.04 1.56 8.80
C GLY A 245 26.77 0.86 9.23
N THR A 246 26.20 1.19 10.40
CA THR A 246 24.89 0.67 10.91
C THR A 246 23.76 1.16 10.00
N THR A 247 23.74 2.47 9.74
CA THR A 247 22.73 3.17 8.89
C THR A 247 22.79 2.61 7.48
N ALA A 248 23.99 2.57 6.88
CA ALA A 248 24.26 1.85 5.61
C ALA A 248 23.59 0.47 5.63
N THR A 249 23.85 -0.31 6.69
CA THR A 249 23.42 -1.72 6.84
C THR A 249 21.92 -1.78 7.14
N GLN A 250 21.34 -0.70 7.69
CA GLN A 250 19.87 -0.57 7.91
C GLN A 250 19.16 -0.66 6.56
N PHE A 251 19.52 0.27 5.67
CA PHE A 251 18.83 0.50 4.38
C PHE A 251 19.24 -0.61 3.42
N PHE A 252 20.52 -0.96 3.37
CA PHE A 252 20.99 -2.12 2.59
C PHE A 252 20.08 -3.31 2.92
N ASP A 253 19.79 -3.50 4.21
CA ASP A 253 19.02 -4.66 4.74
C ASP A 253 17.56 -4.58 4.29
N MET A 254 17.09 -3.41 3.85
CA MET A 254 15.72 -3.24 3.31
C MET A 254 15.72 -3.66 1.84
N MET A 255 16.70 -3.17 1.09
CA MET A 255 16.86 -3.44 -0.36
C MET A 255 16.86 -4.94 -0.59
N SER A 256 16.04 -5.44 -1.53
CA SER A 256 16.04 -6.84 -2.00
C SER A 256 17.12 -7.05 -3.07
N LEU A 257 17.46 -5.99 -3.82
CA LEU A 257 18.40 -6.05 -4.98
C LEU A 257 19.83 -5.67 -4.55
N GLU A 258 20.80 -6.47 -5.03
CA GLU A 258 22.25 -6.16 -5.18
C GLU A 258 22.54 -5.81 -6.64
N ARG A 259 23.63 -5.08 -6.90
CA ARG A 259 23.94 -4.56 -8.26
C ARG A 259 25.43 -4.26 -8.36
N ALA A 260 25.99 -4.29 -9.57
CA ALA A 260 27.42 -4.06 -9.88
C ALA A 260 27.68 -2.63 -10.37
N THR A 261 27.60 -1.62 -9.48
CA THR A 261 27.73 -0.17 -9.81
C THR A 261 29.08 0.41 -9.35
N GLY A 262 29.64 1.33 -10.15
CA GLY A 262 30.93 1.99 -9.92
C GLY A 262 32.10 1.12 -10.36
N GLY A 263 31.84 0.06 -11.13
CA GLY A 263 32.84 -0.95 -11.53
C GLY A 263 33.33 -1.77 -10.34
N ASN A 264 32.50 -1.94 -9.29
CA ASN A 264 32.73 -2.77 -8.07
C ASN A 264 31.87 -4.03 -8.14
N GLU A 265 32.37 -5.18 -7.67
CA GLU A 265 31.64 -6.47 -7.83
C GLU A 265 30.28 -6.40 -7.14
N LYS A 266 29.33 -7.23 -7.60
CA LYS A 266 27.92 -7.17 -7.14
C LYS A 266 27.84 -7.21 -5.62
N ALA A 267 27.10 -6.25 -5.07
CA ALA A 267 26.84 -6.09 -3.63
C ALA A 267 25.67 -5.13 -3.44
N LYS A 268 25.13 -5.04 -2.22
CA LYS A 268 24.05 -4.06 -2.01
C LYS A 268 24.72 -2.70 -2.18
N THR A 269 24.21 -1.85 -3.07
CA THR A 269 24.84 -0.53 -3.29
C THR A 269 23.76 0.52 -3.49
N PHE A 270 24.09 1.78 -3.25
CA PHE A 270 23.12 2.90 -3.38
C PHE A 270 22.81 3.18 -4.85
N PRO A 271 21.57 3.59 -5.17
CA PRO A 271 21.19 3.94 -6.54
C PRO A 271 21.94 5.18 -7.06
N THR A 272 22.29 5.18 -8.35
CA THR A 272 23.02 6.30 -9.00
C THR A 272 22.04 7.41 -9.35
N PRO A 273 22.54 8.64 -9.54
CA PRO A 273 21.73 9.80 -9.92
C PRO A 273 21.15 9.56 -11.32
N GLU A 274 21.88 8.80 -12.13
CA GLU A 274 21.45 8.47 -13.51
C GLU A 274 20.16 7.64 -13.47
N ASP A 275 20.01 6.76 -12.48
CA ASP A 275 18.77 5.97 -12.33
C ASP A 275 17.61 6.93 -12.09
N ILE A 276 17.82 7.96 -11.25
CA ILE A 276 16.76 8.99 -11.00
C ILE A 276 16.56 9.81 -12.28
N ALA A 277 17.64 10.15 -12.97
CA ALA A 277 17.56 10.95 -14.21
C ALA A 277 16.82 10.21 -15.31
N THR A 278 17.12 8.92 -15.53
CA THR A 278 16.48 8.13 -16.62
C THR A 278 14.97 8.01 -16.42
N THR A 279 14.54 7.92 -15.17
CA THR A 279 13.10 7.80 -14.85
C THR A 279 12.38 9.05 -15.32
N CYS A 280 12.94 10.23 -15.06
CA CYS A 280 12.24 11.47 -15.49
C CYS A 280 12.15 11.47 -17.01
N VAL A 281 13.25 11.18 -17.70
CA VAL A 281 13.17 11.00 -19.18
C VAL A 281 11.88 10.25 -19.50
N PHE A 282 11.68 9.09 -18.86
CA PHE A 282 10.55 8.16 -19.10
C PHE A 282 9.23 8.78 -18.63
N LEU A 283 9.18 9.31 -17.41
CA LEU A 283 7.97 9.92 -16.81
C LEU A 283 7.59 11.21 -17.53
N GLY A 284 8.57 11.97 -18.02
CA GLY A 284 8.34 13.15 -18.88
C GLY A 284 7.70 12.75 -20.20
N SER A 285 8.22 11.69 -20.82
CA SER A 285 7.87 11.20 -22.18
C SER A 285 6.42 10.69 -22.23
N ASP A 286 5.87 10.65 -23.44
CA ASP A 286 4.50 10.16 -23.74
C ASP A 286 4.45 8.63 -23.59
N GLU A 287 5.60 7.95 -23.43
CA GLU A 287 5.68 6.48 -23.17
C GLU A 287 4.96 6.14 -21.86
N SER A 288 4.76 7.16 -21.02
CA SER A 288 4.15 7.10 -19.67
C SER A 288 2.80 7.82 -19.67
N ALA A 289 2.07 7.81 -20.79
CA ALA A 289 0.82 8.57 -20.99
C ALA A 289 -0.28 8.05 -20.06
N ALA A 290 -0.14 6.80 -19.60
CA ALA A 290 -1.16 6.03 -18.86
C ALA A 290 -1.04 6.25 -17.33
N TYR A 291 0.17 6.36 -16.78
CA TYR A 291 0.46 6.45 -15.32
C TYR A 291 -0.02 7.80 -14.80
N ASN A 292 -0.83 7.81 -13.73
CA ASN A 292 -1.17 9.02 -12.94
C ASN A 292 -1.39 8.60 -11.48
N GLY A 293 -0.96 9.43 -10.53
CA GLY A 293 -1.06 9.18 -9.07
C GLY A 293 -0.07 8.12 -8.60
N HIS A 294 0.71 7.59 -9.54
CA HIS A 294 1.67 6.47 -9.37
C HIS A 294 2.91 6.88 -8.59
N ASP A 295 3.50 5.94 -7.84
CA ASP A 295 4.73 6.16 -7.05
C ASP A 295 5.84 5.33 -7.69
N PHE A 296 6.99 5.94 -7.99
CA PHE A 296 8.14 5.19 -8.55
C PHE A 296 9.26 5.18 -7.53
N GLU A 297 9.61 4.01 -7.02
CA GLU A 297 10.66 3.90 -5.98
C GLU A 297 11.96 3.35 -6.58
N VAL A 298 12.93 4.22 -6.83
CA VAL A 298 14.27 3.81 -7.36
C VAL A 298 15.16 3.58 -6.15
N THR A 299 14.85 2.55 -5.36
CA THR A 299 15.53 2.30 -4.07
C THR A 299 16.08 0.88 -4.02
N HIS A 300 16.41 0.28 -5.15
CA HIS A 300 16.98 -1.10 -5.16
C HIS A 300 16.05 -2.06 -4.41
N GLY A 301 14.75 -2.00 -4.66
CA GLY A 301 13.71 -2.86 -4.04
C GLY A 301 13.63 -2.77 -2.53
N MET A 302 13.70 -1.57 -1.95
CA MET A 302 13.63 -1.39 -0.48
C MET A 302 12.26 -1.82 0.06
N SER A 303 12.27 -2.57 1.16
CA SER A 303 11.04 -3.13 1.79
C SER A 303 10.41 -2.25 2.87
N VAL A 304 9.71 -1.20 2.43
CA VAL A 304 8.85 -0.28 3.23
C VAL A 304 7.40 -0.46 2.75
N ARG A 305 6.42 -0.38 3.65
CA ARG A 305 4.98 -0.34 3.28
C ARG A 305 4.61 1.12 2.98
N LYS A 306 3.52 1.32 2.22
CA LYS A 306 3.02 2.67 1.84
C LYS A 306 2.73 3.46 3.11
N GLU A 307 1.98 2.85 4.05
CA GLU A 307 1.52 3.44 5.34
C GLU A 307 1.24 2.31 6.35
N GLN A 308 1.80 2.42 7.58
CA GLN A 308 1.52 1.52 8.75
C GLN A 308 0.24 2.01 9.45
N ARG A 309 -0.90 1.36 9.19
CA ARG A 309 -2.25 1.84 9.59
C ARG A 309 -3.22 0.68 9.81
N SER A 310 -4.43 1.00 10.30
CA SER A 310 -5.58 0.07 10.49
C SER A 310 -6.79 0.84 11.04
N THR A 311 -8.00 0.36 10.74
CA THR A 311 -9.29 0.93 11.23
C THR A 311 -9.57 0.36 12.64
N TYR A 312 -10.45 0.98 13.42
CA TYR A 312 -10.89 0.46 14.74
C TYR A 312 -12.06 -0.52 14.57
N LEU A 313 -11.81 -1.82 14.72
CA LEU A 313 -12.85 -2.89 14.72
C LEU A 313 -13.27 -3.19 16.15
N ALA A 314 -13.40 -2.15 17.00
CA ALA A 314 -13.59 -2.22 18.46
C ALA A 314 -14.09 -0.88 18.99
N ARG A 315 -15.15 -0.90 19.81
CA ARG A 315 -15.62 0.27 20.60
C ARG A 315 -14.63 0.49 21.73
N PRO A 316 -14.38 1.75 22.13
CA PRO A 316 -13.49 2.03 23.25
C PRO A 316 -14.19 1.57 24.53
N THR A 317 -13.61 0.56 25.19
CA THR A 317 -13.99 0.07 26.54
C THR A 317 -12.97 0.61 27.55
N MET A 318 -13.46 1.22 28.63
CA MET A 318 -12.62 1.90 29.64
C MET A 318 -13.16 1.53 31.03
N ARG A 319 -12.50 2.01 32.09
CA ARG A 319 -12.83 1.74 33.52
C ARG A 319 -12.50 2.98 34.36
N SER A 320 -13.16 3.12 35.50
CA SER A 320 -13.32 4.38 36.29
C SER A 320 -12.06 4.74 37.09
N MET A 321 -11.07 3.84 37.16
CA MET A 321 -9.78 4.06 37.86
C MET A 321 -8.61 3.99 36.88
N ASP A 322 -8.88 3.72 35.59
CA ASP A 322 -7.87 3.49 34.53
C ASP A 322 -6.69 4.46 34.68
N GLY A 323 -6.90 5.67 35.23
CA GLY A 323 -5.92 6.77 35.12
C GLY A 323 -5.69 7.56 36.40
N THR A 324 -6.12 7.09 37.58
CA THR A 324 -5.83 7.78 38.87
C THR A 324 -4.31 7.84 39.05
N GLY A 325 -3.78 8.98 39.50
CA GLY A 325 -2.32 9.18 39.65
C GLY A 325 -1.66 9.66 38.36
N LEU A 326 -2.24 9.35 37.19
CA LEU A 326 -1.74 9.82 35.87
C LEU A 326 -2.22 11.25 35.60
N ALA A 327 -1.62 11.89 34.59
CA ALA A 327 -1.90 13.29 34.18
C ALA A 327 -1.79 13.40 32.66
N VAL A 328 -2.73 14.13 32.04
CA VAL A 328 -2.86 14.26 30.57
C VAL A 328 -2.89 15.75 30.17
N LEU A 329 -2.01 16.14 29.26
CA LEU A 329 -2.07 17.43 28.54
C LEU A 329 -2.94 17.23 27.30
N ILE A 330 -3.78 18.23 27.02
CA ILE A 330 -4.58 18.37 25.78
C ILE A 330 -4.27 19.77 25.21
N ALA A 331 -3.35 19.85 24.26
CA ALA A 331 -3.07 21.07 23.47
C ALA A 331 -4.27 21.31 22.54
N ALA A 332 -5.01 22.39 22.77
CA ALA A 332 -6.24 22.74 22.02
C ALA A 332 -5.89 23.64 20.82
N GLY A 333 -6.77 23.66 19.81
CA GLY A 333 -6.67 24.56 18.65
C GLY A 333 -7.64 25.72 18.78
N ASP A 334 -8.09 26.28 17.64
CA ASP A 334 -9.20 27.27 17.56
C ASP A 334 -10.37 26.80 18.44
N ASP A 335 -11.02 25.70 18.03
CA ASP A 335 -12.25 25.17 18.66
C ASP A 335 -11.87 24.42 19.93
N TRP A 336 -12.20 24.99 21.10
CA TRP A 336 -11.78 24.44 22.41
C TRP A 336 -12.92 23.58 22.97
N GLU A 337 -14.17 23.98 22.75
CA GLU A 337 -15.34 23.21 23.24
C GLU A 337 -15.20 21.75 22.82
N GLU A 338 -14.76 21.55 21.58
CA GLU A 338 -14.38 20.24 20.99
C GLU A 338 -13.39 19.52 21.91
N ALA A 339 -12.30 20.20 22.29
CA ALA A 339 -11.23 19.62 23.15
C ALA A 339 -11.79 19.33 24.55
N LEU A 340 -12.67 20.20 25.05
CA LEU A 340 -13.20 20.09 26.44
C LEU A 340 -14.04 18.83 26.58
N GLU A 341 -14.76 18.40 25.54
CA GLU A 341 -15.52 17.12 25.57
C GLU A 341 -14.54 15.94 25.56
N ILE A 342 -13.45 16.00 24.77
CA ILE A 342 -12.36 15.00 24.82
C ILE A 342 -11.81 14.93 26.25
N ALA A 343 -11.64 16.09 26.89
CA ALA A 343 -11.07 16.27 28.25
C ALA A 343 -11.99 15.65 29.32
N GLN A 344 -13.32 15.84 29.20
CA GLN A 344 -14.34 15.20 30.08
C GLN A 344 -14.09 13.68 30.12
N VAL A 345 -13.87 13.06 28.94
CA VAL A 345 -13.70 11.60 28.74
C VAL A 345 -12.48 11.13 29.55
N GLN A 346 -11.39 11.90 29.51
CA GLN A 346 -10.17 11.59 30.31
C GLN A 346 -10.58 11.61 31.80
N LEU A 347 -11.01 12.78 32.30
CA LEU A 347 -11.39 13.01 33.73
C LEU A 347 -12.28 11.90 34.24
N ALA A 348 -13.33 11.60 33.47
CA ALA A 348 -14.28 10.48 33.72
C ALA A 348 -13.49 9.20 34.01
N CYS A 349 -12.40 8.94 33.27
CA CYS A 349 -11.50 7.77 33.45
C CYS A 349 -10.56 7.94 34.66
N GLY A 350 -10.63 9.07 35.38
CA GLY A 350 -9.97 9.29 36.69
C GLY A 350 -8.60 9.93 36.58
N ALA A 351 -8.11 10.19 35.36
CA ALA A 351 -6.86 10.94 35.08
C ALA A 351 -7.06 12.39 35.52
N GLN A 352 -5.97 13.15 35.63
CA GLN A 352 -6.04 14.63 35.76
C GLN A 352 -5.77 15.24 34.37
N VAL A 353 -6.40 16.39 34.09
CA VAL A 353 -6.32 17.05 32.76
C VAL A 353 -5.74 18.46 32.91
N VAL A 354 -4.68 18.75 32.16
CA VAL A 354 -4.23 20.14 31.84
C VAL A 354 -4.82 20.48 30.47
N LEU A 355 -5.71 21.47 30.42
CA LEU A 355 -6.37 21.95 29.17
C LEU A 355 -5.67 23.22 28.68
N GLY A 356 -4.87 23.08 27.61
CA GLY A 356 -4.03 24.14 27.01
C GLY A 356 -4.74 24.85 25.86
N LEU A 357 -5.04 26.13 26.04
CA LEU A 357 -5.87 26.95 25.10
C LEU A 357 -5.01 28.07 24.54
N PRO A 358 -4.97 28.26 23.20
CA PRO A 358 -4.03 29.21 22.62
C PRO A 358 -4.30 30.63 23.14
N ARG A 359 -5.51 31.14 22.88
CA ARG A 359 -5.87 32.56 23.12
C ARG A 359 -6.22 32.73 24.60
N ALA A 360 -5.41 33.53 25.32
CA ALA A 360 -5.50 33.79 26.77
C ALA A 360 -6.94 34.15 27.18
N ALA A 361 -7.71 34.77 26.27
CA ALA A 361 -9.13 35.18 26.44
C ALA A 361 -10.03 33.95 26.67
N ASP A 362 -9.75 32.85 25.96
CA ASP A 362 -10.55 31.60 26.03
C ASP A 362 -10.49 31.06 27.47
N VAL A 363 -9.34 31.20 28.15
CA VAL A 363 -9.07 30.59 29.49
C VAL A 363 -10.26 30.86 30.42
N ALA A 364 -10.60 32.14 30.62
CA ALA A 364 -11.65 32.60 31.56
C ALA A 364 -13.05 32.28 31.01
N ILE A 365 -13.21 32.19 29.67
CA ILE A 365 -14.49 31.78 28.99
C ILE A 365 -14.79 30.32 29.33
N ALA A 366 -13.83 29.43 29.05
CA ALA A 366 -13.91 27.98 29.34
C ALA A 366 -14.13 27.76 30.83
N GLU A 367 -13.37 28.47 31.67
CA GLU A 367 -13.38 28.34 33.17
C GLU A 367 -14.82 28.32 33.66
N LYS A 368 -15.65 29.23 33.14
CA LYS A 368 -17.09 29.34 33.48
C LYS A 368 -17.81 28.07 33.02
N ARG A 369 -17.72 27.72 31.73
CA ARG A 369 -18.45 26.55 31.15
C ARG A 369 -18.21 25.32 32.03
N CYS A 370 -16.98 25.12 32.53
CA CYS A 370 -16.54 23.91 33.30
C CYS A 370 -17.19 23.89 34.69
N LYS A 371 -17.46 25.06 35.28
CA LYS A 371 -18.23 25.16 36.56
C LYS A 371 -19.73 24.99 36.25
N ALA A 372 -20.23 25.71 35.24
CA ALA A 372 -21.59 25.55 34.67
C ALA A 372 -21.84 24.08 34.33
N LEU A 373 -20.86 23.42 33.69
CA LEU A 373 -20.93 22.00 33.23
C LEU A 373 -20.76 21.08 34.45
N GLY A 374 -20.17 21.59 35.55
CA GLY A 374 -20.02 20.87 36.84
C GLY A 374 -18.66 20.22 37.06
N LEU A 375 -17.72 20.30 36.09
CA LEU A 375 -16.35 19.70 36.16
C LEU A 375 -15.43 20.68 36.92
N THR A 376 -15.00 20.38 38.15
CA THR A 376 -14.12 21.29 38.94
C THR A 376 -12.89 20.58 39.52
N GLU A 377 -12.88 19.24 39.56
CA GLU A 377 -11.79 18.48 40.22
C GLU A 377 -10.94 17.79 39.17
N GLY A 378 -9.62 17.83 39.34
CA GLY A 378 -8.64 17.11 38.52
C GLY A 378 -8.27 17.88 37.26
N LEU A 379 -9.07 18.89 36.89
CA LEU A 379 -8.90 19.69 35.65
C LEU A 379 -8.27 21.05 35.99
N SER A 380 -7.20 21.38 35.27
CA SER A 380 -6.56 22.73 35.25
C SER A 380 -6.69 23.30 33.84
N ILE A 381 -6.88 24.62 33.75
CA ILE A 381 -6.98 25.30 32.43
C ILE A 381 -5.88 26.36 32.39
N ILE A 382 -5.09 26.37 31.32
CA ILE A 382 -3.96 27.35 31.23
C ILE A 382 -3.81 27.79 29.77
N ARG A 383 -3.21 28.95 29.53
CA ARG A 383 -2.98 29.37 28.12
C ARG A 383 -1.84 28.49 27.63
N PHE A 384 -2.01 27.85 26.47
CA PHE A 384 -0.96 26.97 25.92
C PHE A 384 -0.79 27.25 24.43
N SER A 385 -0.20 28.39 24.09
CA SER A 385 0.04 28.73 22.67
C SER A 385 1.20 27.87 22.14
N ARG A 386 1.03 27.30 20.94
CA ARG A 386 2.07 26.42 20.34
C ARG A 386 3.03 27.25 19.51
N LYS A 387 2.80 28.56 19.46
CA LYS A 387 3.68 29.52 18.73
C LYS A 387 4.65 30.13 19.75
N ASP A 388 4.53 29.71 21.01
CA ASP A 388 5.36 30.20 22.13
C ASP A 388 5.89 29.00 22.91
N PRO A 389 6.91 28.26 22.44
CA PRO A 389 7.41 27.12 23.20
C PRO A 389 8.00 27.55 24.55
N ALA A 390 8.80 28.61 24.58
CA ALA A 390 9.40 29.11 25.83
C ALA A 390 8.32 29.23 26.94
N ALA A 391 7.11 29.65 26.57
CA ALA A 391 5.91 29.75 27.44
C ALA A 391 5.37 28.34 27.75
N MET A 392 5.13 27.52 26.71
CA MET A 392 4.68 26.10 26.82
C MET A 392 5.56 25.35 27.84
N GLU A 393 6.88 25.34 27.64
CA GLU A 393 7.88 24.59 28.45
C GLU A 393 7.80 25.05 29.92
N ALA A 394 7.50 26.33 30.12
CA ALA A 394 7.36 27.00 31.43
C ALA A 394 6.06 26.56 32.11
N ALA A 395 4.93 26.57 31.41
CA ALA A 395 3.63 26.18 32.01
C ALA A 395 3.63 24.72 32.50
N LEU A 396 4.22 23.82 31.70
CA LEU A 396 4.27 22.37 32.05
C LEU A 396 5.04 22.20 33.36
N GLU A 397 6.13 22.95 33.53
CA GLU A 397 6.94 22.90 34.78
C GLU A 397 6.06 23.36 35.96
N GLU A 398 5.21 24.37 35.76
CA GLU A 398 4.32 24.82 36.86
C GLU A 398 3.37 23.68 37.26
N TYR A 399 2.80 22.97 36.28
CA TYR A 399 1.89 21.83 36.62
C TYR A 399 2.66 20.71 37.35
N THR A 400 3.88 20.47 36.88
CA THR A 400 4.70 19.42 37.52
C THR A 400 4.99 19.85 38.96
N ARG A 401 5.28 21.15 39.19
CA ARG A 401 5.53 21.65 40.56
C ARG A 401 4.26 21.38 41.39
N GLY A 402 3.09 21.54 40.77
CA GLY A 402 1.83 21.17 41.42
C GLY A 402 1.93 19.76 41.96
N GLY A 403 2.51 18.78 41.23
CA GLY A 403 2.73 17.52 41.99
C GLY A 403 2.58 16.16 41.32
N THR A 404 2.02 16.15 40.12
CA THR A 404 1.76 15.05 39.16
C THR A 404 2.46 15.33 37.84
N PRO A 405 3.40 14.47 37.38
CA PRO A 405 4.01 14.64 36.06
C PRO A 405 3.09 14.21 34.91
N ILE A 406 3.29 14.82 33.75
CA ILE A 406 2.39 14.64 32.58
C ILE A 406 2.77 13.35 31.86
N SER A 407 1.88 12.35 31.92
CA SER A 407 2.07 10.96 31.42
C SER A 407 1.57 10.80 29.97
N GLY A 408 0.71 11.73 29.53
CA GLY A 408 -0.03 11.63 28.27
C GLY A 408 -0.27 12.99 27.62
N ALA A 409 0.16 13.14 26.38
CA ALA A 409 -0.14 14.31 25.53
C ALA A 409 -1.26 13.94 24.56
N LEU A 410 -2.13 14.91 24.28
CA LEU A 410 -3.15 14.84 23.22
C LEU A 410 -3.11 16.17 22.44
N PHE A 411 -2.75 16.12 21.16
CA PHE A 411 -2.61 17.30 20.27
C PHE A 411 -3.86 17.40 19.38
N MET A 412 -4.59 18.51 19.49
CA MET A 412 -5.74 18.88 18.61
C MET A 412 -5.21 19.68 17.44
N PRO A 413 -5.93 19.76 16.32
CA PRO A 413 -5.52 20.62 15.20
C PRO A 413 -5.58 22.10 15.62
N ALA A 414 -4.71 22.91 15.04
CA ALA A 414 -4.45 24.32 15.41
C ALA A 414 -5.61 25.19 14.95
N LEU A 415 -5.93 25.14 13.67
CA LEU A 415 -6.94 25.99 12.99
C LEU A 415 -8.37 25.52 13.33
N GLY A 416 -9.37 26.39 13.13
CA GLY A 416 -10.79 26.01 13.26
C GLY A 416 -11.12 24.94 12.23
N ALA A 417 -12.32 24.38 12.27
CA ALA A 417 -12.78 23.40 11.27
C ALA A 417 -12.98 24.12 9.93
N GLY A 418 -12.62 23.43 8.83
CA GLY A 418 -12.92 23.81 7.43
C GLY A 418 -12.18 25.06 6.98
N GLU A 419 -11.32 25.63 7.84
CA GLU A 419 -10.68 26.96 7.63
C GLU A 419 -9.71 26.88 6.46
N LEU A 420 -8.94 25.80 6.39
CA LEU A 420 -8.26 25.36 5.15
C LEU A 420 -9.27 24.59 4.29
N SER A 421 -9.56 25.06 3.08
CA SER A 421 -10.37 24.34 2.06
C SER A 421 -9.89 24.73 0.65
N GLY A 422 -10.51 24.16 -0.39
CA GLY A 422 -10.17 24.48 -1.78
C GLY A 422 -9.07 23.55 -2.26
N ALA A 423 -9.24 23.01 -3.47
CA ALA A 423 -8.30 22.08 -4.15
C ALA A 423 -6.94 22.76 -4.26
N VAL A 424 -5.87 22.01 -4.02
CA VAL A 424 -4.47 22.54 -3.84
C VAL A 424 -4.18 23.62 -4.91
N THR A 425 -4.54 23.40 -6.18
CA THR A 425 -4.26 24.34 -7.29
C THR A 425 -5.00 25.66 -7.06
N GLU A 426 -6.32 25.58 -6.84
CA GLU A 426 -7.23 26.74 -6.68
C GLU A 426 -7.20 27.25 -5.24
N ALA A 427 -6.12 27.03 -4.50
CA ALA A 427 -6.01 27.43 -3.08
C ALA A 427 -5.57 28.89 -3.00
N GLU A 428 -6.10 29.63 -2.02
CA GLU A 428 -5.67 31.02 -1.73
C GLU A 428 -4.17 31.01 -1.49
N ASP A 429 -3.49 32.14 -1.73
CA ASP A 429 -2.02 32.18 -1.52
C ASP A 429 -1.73 31.88 -0.03
N ASN A 430 -2.54 32.45 0.85
CA ASN A 430 -2.47 32.33 2.34
C ASN A 430 -2.90 30.93 2.79
N ALA A 431 -3.75 30.21 2.07
CA ALA A 431 -4.12 28.86 2.57
C ALA A 431 -2.88 28.00 2.69
N VAL A 432 -2.04 27.93 1.64
CA VAL A 432 -0.82 27.09 1.78
C VAL A 432 0.08 27.69 2.86
N GLU A 433 0.19 29.03 2.89
CA GLU A 433 1.13 29.58 3.92
C GLU A 433 0.66 29.20 5.32
N ALA A 434 -0.63 29.39 5.58
CA ALA A 434 -1.23 29.13 6.90
C ALA A 434 -1.12 27.65 7.22
N LEU A 435 -1.40 26.78 6.24
CA LEU A 435 -1.37 25.33 6.52
C LEU A 435 0.03 24.97 6.96
N MET A 436 1.04 25.43 6.21
CA MET A 436 2.41 25.01 6.54
C MET A 436 2.77 25.51 7.92
N ASP A 437 2.57 26.81 8.17
CA ASP A 437 3.07 27.31 9.47
C ASP A 437 2.25 26.71 10.61
N ALA A 438 0.94 26.79 10.53
CA ALA A 438 0.20 26.40 11.74
C ALA A 438 0.27 24.90 11.93
N GLU A 439 0.01 24.20 10.85
CA GLU A 439 -0.20 22.77 11.15
C GLU A 439 1.17 22.15 11.31
N LEU A 440 2.06 22.51 10.40
CA LEU A 440 3.27 21.69 10.47
C LEU A 440 4.10 22.18 11.63
N ALA A 441 4.12 23.49 11.85
CA ALA A 441 5.02 23.90 12.95
C ALA A 441 4.38 23.53 14.27
N GLY A 442 3.06 23.58 14.35
CA GLY A 442 2.43 23.24 15.63
C GLY A 442 2.78 21.82 15.97
N ASN A 443 2.66 20.90 15.02
CA ASN A 443 2.99 19.50 15.38
C ASN A 443 4.47 19.40 15.75
N MET A 444 5.35 20.03 14.97
CA MET A 444 6.81 19.89 15.25
C MET A 444 7.17 20.49 16.62
N ALA A 445 6.55 21.62 16.97
CA ALA A 445 6.79 22.33 18.25
C ALA A 445 6.26 21.54 19.43
N LEU A 446 5.07 20.96 19.30
CA LEU A 446 4.49 20.19 20.43
C LEU A 446 5.40 19.00 20.69
N ALA A 447 5.80 18.35 19.61
CA ALA A 447 6.77 17.24 19.62
C ALA A 447 8.05 17.66 20.37
N ARG A 448 8.74 18.72 19.92
CA ARG A 448 9.97 19.18 20.61
C ARG A 448 9.63 19.37 22.09
N THR A 449 8.59 20.17 22.41
CA THR A 449 8.27 20.62 23.79
C THR A 449 8.02 19.42 24.71
N MET A 450 7.35 18.38 24.24
CA MET A 450 7.06 17.17 25.06
C MET A 450 8.32 16.29 25.15
N SER A 451 9.10 16.12 24.07
CA SER A 451 10.37 15.37 24.13
C SER A 451 11.23 16.02 25.22
N ARG A 452 11.40 17.34 25.14
CA ARG A 452 12.17 18.15 26.12
C ARG A 452 11.59 17.98 27.54
N TYR A 453 10.27 17.87 27.68
CA TYR A 453 9.60 17.71 28.99
C TYR A 453 9.79 16.28 29.53
N TRP A 454 9.79 15.28 28.64
CA TRP A 454 9.90 13.83 28.99
C TRP A 454 11.36 13.41 29.05
N LYS A 455 12.25 14.25 28.53
CA LYS A 455 13.70 14.11 28.76
C LYS A 455 13.95 14.51 30.21
N ARG A 456 13.30 15.60 30.65
CA ARG A 456 13.39 16.16 32.02
C ARG A 456 12.70 15.27 33.06
N HIS A 457 11.61 14.61 32.67
CA HIS A 457 10.85 13.72 33.58
C HIS A 457 10.84 12.32 32.95
N ASP A 458 11.91 11.56 33.13
CA ASP A 458 12.01 10.21 32.51
C ASP A 458 11.49 9.15 33.49
N ASN A 459 11.01 9.55 34.67
CA ASN A 459 10.55 8.54 35.66
C ASN A 459 9.06 8.75 35.92
N LEU A 460 8.24 8.39 34.94
CA LEU A 460 6.76 8.47 35.07
C LEU A 460 6.24 7.11 35.53
N LEU A 461 5.04 7.08 36.07
CA LEU A 461 4.40 5.82 36.55
C LEU A 461 4.21 4.87 35.36
N GLN A 462 3.84 5.41 34.21
CA GLN A 462 3.59 4.62 32.98
C GLN A 462 4.36 5.25 31.82
N PRO A 463 4.96 4.48 30.88
CA PRO A 463 5.57 5.12 29.71
C PRO A 463 4.78 6.36 29.29
N PRO A 464 5.46 7.36 28.70
CA PRO A 464 4.82 8.56 28.19
C PRO A 464 4.16 8.24 26.84
N ARG A 465 2.97 8.78 26.62
CA ARG A 465 2.12 8.41 25.46
C ARG A 465 1.60 9.70 24.85
N PHE A 466 1.66 9.84 23.53
CA PHE A 466 1.13 11.03 22.83
C PHE A 466 0.05 10.58 21.86
N VAL A 467 -0.92 11.45 21.58
CA VAL A 467 -2.07 11.19 20.68
C VAL A 467 -2.34 12.42 19.81
N PHE A 468 -2.05 12.32 18.51
CA PHE A 468 -2.43 13.29 17.46
C PHE A 468 -3.82 12.93 16.94
N VAL A 469 -4.74 13.91 16.96
CA VAL A 469 -6.18 13.80 16.60
C VAL A 469 -6.39 14.64 15.33
N SER A 470 -6.98 14.07 14.29
CA SER A 470 -7.33 14.81 13.04
C SER A 470 -8.55 15.70 13.31
N HIS A 471 -8.79 16.69 12.43
CA HIS A 471 -10.07 17.42 12.34
C HIS A 471 -11.19 16.40 12.09
N ALA A 472 -12.44 16.80 12.29
CA ALA A 472 -13.60 16.09 11.69
C ALA A 472 -13.63 16.44 10.19
N SER A 473 -14.43 15.74 9.39
CA SER A 473 -14.57 15.95 7.93
C SER A 473 -14.90 17.43 7.61
N ASP A 474 -14.43 17.90 6.45
CA ASP A 474 -14.87 19.16 5.80
C ASP A 474 -16.03 18.83 4.84
N GLY A 475 -16.24 17.54 4.56
CA GLY A 475 -17.27 17.01 3.64
C GLY A 475 -17.01 17.41 2.21
N LYS A 476 -15.75 17.63 1.83
CA LYS A 476 -15.35 18.22 0.53
C LYS A 476 -14.27 17.37 -0.18
N GLY A 477 -13.85 16.25 0.42
CA GLY A 477 -12.74 15.40 -0.06
C GLY A 477 -11.66 15.27 0.99
N ASP A 478 -11.69 16.18 1.99
CA ASP A 478 -10.72 16.33 3.11
C ASP A 478 -9.31 16.50 2.53
N ILE A 479 -9.19 17.43 1.58
CA ILE A 479 -7.91 17.77 0.88
C ILE A 479 -6.83 17.87 1.94
N TYR A 480 -7.03 18.76 2.92
CA TYR A 480 -6.03 19.17 3.94
C TYR A 480 -5.97 18.09 5.02
N GLY A 481 -7.13 17.50 5.32
CA GLY A 481 -7.22 16.26 6.11
C GLY A 481 -6.12 15.29 5.71
N HIS A 482 -6.02 14.98 4.42
CA HIS A 482 -5.14 13.92 3.86
C HIS A 482 -3.67 14.31 3.97
N ILE A 483 -3.28 15.47 3.45
CA ILE A 483 -1.86 15.96 3.49
C ILE A 483 -1.38 15.96 4.95
N LEU A 484 -2.12 16.64 5.84
CA LEU A 484 -1.77 16.85 7.27
C LEU A 484 -1.61 15.51 8.02
N ARG A 485 -2.29 14.45 7.57
CA ARG A 485 -2.23 13.08 8.17
C ARG A 485 -0.91 12.39 7.77
N ALA A 486 -0.63 12.25 6.48
CA ALA A 486 0.57 11.51 5.98
C ALA A 486 1.83 12.16 6.55
N ALA A 487 1.76 13.47 6.85
CA ALA A 487 2.83 14.30 7.42
C ALA A 487 3.00 13.93 8.88
N THR A 488 1.96 14.08 9.68
CA THR A 488 1.96 13.66 11.10
C THR A 488 2.41 12.19 11.22
N GLU A 489 1.96 11.28 10.33
CA GLU A 489 2.26 9.83 10.44
C GLU A 489 3.79 9.66 10.50
N GLN A 490 4.51 10.41 9.66
CA GLN A 490 5.99 10.32 9.49
C GLN A 490 6.71 11.17 10.57
N LEU A 491 6.04 12.13 11.19
CA LEU A 491 6.54 12.81 12.42
C LEU A 491 6.59 11.78 13.55
N ILE A 492 5.51 11.03 13.75
CA ILE A 492 5.41 9.98 14.81
C ILE A 492 6.45 8.90 14.55
N ARG A 493 6.55 8.40 13.30
CA ARG A 493 7.47 7.27 13.00
C ARG A 493 8.89 7.72 13.33
N ILE A 494 9.20 9.00 13.09
CA ILE A 494 10.47 9.64 13.52
C ILE A 494 10.47 9.79 15.05
N TRP A 495 9.38 10.21 15.64
CA TRP A 495 9.34 10.38 17.11
C TRP A 495 9.64 9.05 17.79
N ARG A 496 8.97 7.97 17.39
CA ARG A 496 9.07 6.65 18.05
C ARG A 496 10.50 6.14 17.99
N ASP A 497 11.10 6.19 16.78
CA ASP A 497 12.44 5.62 16.47
C ASP A 497 13.51 6.42 17.18
N GLU A 498 13.30 7.72 17.38
CA GLU A 498 14.25 8.61 18.11
C GLU A 498 14.24 8.23 19.59
N SER A 499 13.09 7.90 20.17
CA SER A 499 12.99 7.52 21.59
C SER A 499 13.42 6.05 21.77
N GLU A 500 13.23 5.22 20.75
CA GLU A 500 13.69 3.80 20.76
C GLU A 500 15.22 3.77 20.89
N ILE A 501 15.90 4.62 20.12
CA ILE A 501 17.39 4.65 19.95
C ILE A 501 18.02 5.47 21.09
N ASP A 502 17.34 6.51 21.58
CA ASP A 502 17.75 7.26 22.80
C ASP A 502 17.66 6.38 24.05
N THR A 503 16.74 5.43 24.07
CA THR A 503 16.43 4.53 25.23
C THR A 503 17.40 3.35 25.26
N ALA A 504 17.74 2.82 24.08
CA ALA A 504 18.63 1.66 23.87
C ALA A 504 20.07 2.01 24.28
N HIS A 505 20.50 3.24 24.00
CA HIS A 505 21.86 3.80 24.27
C HIS A 505 21.92 4.50 25.63
N GLY A 506 20.83 4.42 26.40
CA GLY A 506 20.78 4.82 27.82
C GLY A 506 20.89 6.32 28.00
N ARG A 507 20.37 7.06 27.03
CA ARG A 507 20.27 8.55 27.04
C ARG A 507 18.98 8.94 27.77
N ARG A 508 17.92 8.13 27.62
CA ARG A 508 16.55 8.32 28.20
C ARG A 508 16.00 6.99 28.71
N ARG A 509 15.52 6.93 29.95
CA ARG A 509 14.96 5.70 30.59
C ARG A 509 13.67 5.21 29.92
N GLN A 510 12.84 6.12 29.40
CA GLN A 510 11.45 5.82 28.99
C GLN A 510 11.26 6.08 27.50
N ALA A 511 10.89 5.02 26.78
CA ALA A 511 10.49 5.03 25.36
C ALA A 511 9.17 5.80 25.23
N GLU A 512 9.25 6.97 24.61
CA GLU A 512 8.10 7.71 24.04
C GLU A 512 7.50 6.81 22.95
N TRP A 513 6.18 6.77 22.88
CA TRP A 513 5.40 6.06 21.83
C TRP A 513 3.99 6.64 21.79
N GLY A 514 3.37 6.66 20.62
CA GLY A 514 2.06 7.32 20.47
C GLY A 514 1.46 7.02 19.11
N ASN A 515 0.27 7.58 18.88
CA ASN A 515 -0.58 7.24 17.70
C ASN A 515 -1.31 8.48 17.16
N GLN A 516 -1.75 8.36 15.90
CA GLN A 516 -2.67 9.31 15.22
C GLN A 516 -4.06 8.68 15.10
N ILE A 517 -5.10 9.45 15.45
CA ILE A 517 -6.54 9.09 15.31
C ILE A 517 -7.17 9.94 14.21
N VAL A 518 -7.46 9.31 13.06
CA VAL A 518 -8.19 9.90 11.89
C VAL A 518 -9.70 9.86 12.20
N ARG A 519 -10.40 11.01 12.20
CA ARG A 519 -11.84 11.12 12.53
C ARG A 519 -12.69 11.33 11.27
N PHE A 520 -12.13 12.04 10.29
CA PHE A 520 -12.83 12.51 9.07
C PHE A 520 -13.37 11.32 8.25
N THR A 521 -12.98 10.06 8.51
CA THR A 521 -13.54 8.86 7.82
C THR A 521 -15.00 8.65 8.23
N ASN A 522 -15.39 9.07 9.45
CA ASN A 522 -16.74 8.80 10.00
C ASN A 522 -17.39 10.15 10.33
N THR A 523 -18.69 10.26 10.05
CA THR A 523 -19.53 11.49 10.17
C THR A 523 -20.54 11.38 11.34
N GLU A 524 -20.60 10.23 12.01
CA GLU A 524 -21.66 9.82 13.00
C GLU A 524 -21.62 10.79 14.20
N ALA A 525 -22.73 10.85 14.94
CA ALA A 525 -23.03 11.87 15.99
C ALA A 525 -22.18 11.63 17.26
N GLU A 526 -21.90 10.37 17.57
CA GLU A 526 -21.03 9.95 18.71
C GLU A 526 -19.56 10.31 18.42
N ASN A 527 -19.18 10.51 17.14
CA ASN A 527 -17.78 10.55 16.60
C ASN A 527 -16.76 11.05 17.63
N ILE A 528 -17.06 12.16 18.31
CA ILE A 528 -16.17 12.77 19.34
C ILE A 528 -15.98 11.79 20.51
N ARG A 529 -17.05 11.17 20.99
CA ARG A 529 -17.04 10.25 22.16
C ARG A 529 -16.12 9.05 21.86
N PHE A 530 -16.26 8.47 20.66
CA PHE A 530 -15.50 7.28 20.17
C PHE A 530 -14.00 7.59 20.15
N THR A 531 -13.60 8.75 19.61
CA THR A 531 -12.16 9.13 19.48
C THR A 531 -11.63 9.53 20.86
N ALA A 532 -12.43 10.29 21.64
CA ALA A 532 -12.11 10.72 23.02
C ALA A 532 -11.90 9.49 23.90
N GLY A 533 -12.54 8.37 23.54
CA GLY A 533 -12.47 7.09 24.27
C GLY A 533 -11.28 6.25 23.87
N HIS A 534 -10.91 6.25 22.60
CA HIS A 534 -9.68 5.55 22.11
C HIS A 534 -8.42 6.36 22.44
N ALA A 535 -8.60 7.66 22.74
CA ALA A 535 -7.52 8.52 23.26
C ALA A 535 -7.16 8.08 24.68
N ALA A 536 -8.17 7.84 25.51
CA ALA A 536 -8.05 7.39 26.92
C ALA A 536 -7.36 6.03 26.99
N ARG A 537 -7.74 5.09 26.13
CA ARG A 537 -7.05 3.78 25.98
C ARG A 537 -5.56 4.01 25.69
N ILE A 538 -5.25 4.69 24.58
CA ILE A 538 -3.86 4.92 24.11
C ILE A 538 -3.05 5.62 25.21
N LEU A 539 -3.68 6.59 25.90
CA LEU A 539 -3.03 7.40 26.95
C LEU A 539 -2.88 6.58 28.23
N LEU A 540 -4.02 6.26 28.86
CA LEU A 540 -4.09 5.69 30.24
C LEU A 540 -4.00 4.17 30.34
N LYS A 541 -4.07 3.43 29.23
CA LYS A 541 -3.97 1.96 29.37
C LYS A 541 -2.53 1.54 29.07
N GLU A 542 -2.10 0.40 29.61
CA GLU A 542 -0.71 -0.04 29.33
C GLU A 542 -0.72 -0.79 28.00
N SER A 543 -0.55 -0.06 26.90
CA SER A 543 -0.56 -0.68 25.56
C SER A 543 0.42 0.04 24.62
N LYS A 544 0.90 -0.67 23.60
CA LYS A 544 1.85 -0.13 22.60
C LYS A 544 1.37 -0.58 21.21
N LEU A 545 0.38 0.12 20.63
CA LEU A 545 -0.17 -0.27 19.31
C LEU A 545 0.86 -0.08 18.21
N GLY A 546 1.09 -1.14 17.42
CA GLY A 546 2.09 -1.16 16.34
C GLY A 546 1.78 -0.22 15.19
N GLU A 547 0.52 -0.16 14.79
CA GLU A 547 0.12 0.71 13.66
C GLU A 547 0.09 2.16 14.15
N ILE A 548 0.65 3.08 13.37
CA ILE A 548 0.78 4.52 13.75
C ILE A 548 -0.60 5.19 13.68
N THR A 549 -1.19 5.21 12.47
CA THR A 549 -2.45 5.93 12.12
C THR A 549 -3.63 4.96 12.29
N LEU A 550 -4.55 5.32 13.20
CA LEU A 550 -5.76 4.54 13.58
C LEU A 550 -7.00 5.31 13.14
N TYR A 551 -7.73 4.79 12.14
CA TYR A 551 -8.96 5.37 11.57
C TYR A 551 -10.17 4.93 12.41
N VAL A 552 -11.10 5.86 12.65
CA VAL A 552 -12.52 5.55 12.99
C VAL A 552 -13.13 4.88 11.76
N PRO A 553 -13.94 3.80 11.91
CA PRO A 553 -14.61 3.18 10.76
C PRO A 553 -15.87 3.97 10.34
N ALA A 554 -16.20 3.94 9.05
CA ALA A 554 -17.34 4.69 8.47
C ALA A 554 -18.58 4.49 9.34
N ASN A 555 -19.01 3.23 9.48
CA ASN A 555 -20.18 2.79 10.28
C ASN A 555 -19.64 2.18 11.59
N ILE A 556 -20.03 2.73 12.74
CA ILE A 556 -19.62 2.23 14.10
C ILE A 556 -20.61 1.13 14.54
N GLY A 557 -21.87 1.28 14.10
CA GLY A 557 -22.90 0.23 14.18
C GLY A 557 -22.37 -1.10 13.68
N GLU A 558 -21.79 -1.14 12.48
CA GLU A 558 -21.49 -2.39 11.71
C GLU A 558 -20.15 -3.02 12.12
N ALA A 559 -19.02 -2.30 11.99
CA ALA A 559 -17.67 -2.83 12.26
C ALA A 559 -17.68 -3.57 13.61
N THR A 560 -18.22 -2.91 14.66
CA THR A 560 -18.33 -3.39 16.05
C THR A 560 -19.77 -3.87 16.34
N GLY A 561 -19.94 -5.14 16.75
CA GLY A 561 -21.24 -5.79 17.06
C GLY A 561 -22.27 -4.83 17.63
N ALA A 562 -21.86 -3.91 18.52
CA ALA A 562 -22.68 -2.80 19.08
C ALA A 562 -22.47 -1.53 18.23
N PRO B 18 21.56 3.21 -31.36
CA PRO B 18 21.48 1.85 -30.81
C PRO B 18 20.06 1.62 -30.25
N GLY B 19 19.74 0.35 -29.95
CA GLY B 19 18.41 0.02 -29.41
C GLY B 19 18.44 -0.17 -27.92
N ARG B 20 17.56 0.54 -27.21
CA ARG B 20 17.46 0.48 -25.72
C ARG B 20 17.48 -0.97 -25.25
N LEU B 21 17.31 -1.91 -26.17
CA LEU B 21 17.38 -3.36 -25.81
C LEU B 21 18.48 -4.06 -26.61
N ALA B 22 19.41 -3.28 -27.19
CA ALA B 22 20.44 -3.82 -28.10
C ALA B 22 21.19 -4.97 -27.42
N GLY B 23 21.46 -6.06 -28.16
CA GLY B 23 22.27 -7.20 -27.70
C GLY B 23 21.72 -7.86 -26.44
N LYS B 24 20.42 -8.20 -26.44
CA LYS B 24 19.67 -8.78 -25.30
C LYS B 24 18.70 -9.85 -25.81
N ILE B 25 18.81 -11.08 -25.30
CA ILE B 25 17.87 -12.19 -25.63
C ILE B 25 16.64 -11.96 -24.74
N ALA B 26 15.46 -11.88 -25.35
CA ALA B 26 14.14 -11.66 -24.70
C ALA B 26 13.23 -12.87 -24.96
N VAL B 27 12.55 -13.34 -23.91
CA VAL B 27 11.55 -14.44 -24.00
C VAL B 27 10.20 -13.87 -23.56
N VAL B 28 9.21 -14.02 -24.44
CA VAL B 28 7.81 -13.52 -24.29
C VAL B 28 6.85 -14.72 -24.41
N THR B 29 6.24 -15.08 -23.28
CA THR B 29 5.20 -16.13 -23.14
C THR B 29 3.87 -15.52 -23.60
N GLY B 30 3.11 -16.26 -24.40
CA GLY B 30 1.88 -15.76 -25.05
C GLY B 30 2.19 -14.58 -25.94
N ALA B 31 3.00 -14.83 -26.97
CA ALA B 31 3.51 -13.81 -27.92
C ALA B 31 2.54 -13.72 -29.09
N ALA B 32 1.69 -14.72 -29.29
CA ALA B 32 0.70 -14.76 -30.38
C ALA B 32 -0.49 -13.85 -30.05
N GLY B 33 -0.81 -13.67 -28.76
CA GLY B 33 -1.92 -12.81 -28.28
C GLY B 33 -1.67 -11.34 -28.57
N ASN B 34 -2.59 -10.43 -28.17
CA ASN B 34 -2.62 -9.01 -28.62
C ASN B 34 -1.49 -8.19 -27.99
N LEU B 35 -1.38 -8.16 -26.66
CA LEU B 35 -0.26 -7.49 -25.95
C LEU B 35 1.05 -8.14 -26.36
N GLY B 36 1.08 -9.47 -26.44
CA GLY B 36 2.23 -10.27 -26.90
C GLY B 36 2.91 -9.58 -28.06
N GLY B 37 2.16 -9.38 -29.15
CA GLY B 37 2.67 -8.96 -30.47
C GLY B 37 3.12 -7.52 -30.49
N HIS B 38 2.49 -6.66 -29.69
CA HIS B 38 2.92 -5.26 -29.44
C HIS B 38 4.27 -5.25 -28.70
N ILE B 39 4.43 -6.09 -27.67
CA ILE B 39 5.70 -6.22 -26.90
C ILE B 39 6.77 -6.66 -27.90
N VAL B 40 6.56 -7.76 -28.61
CA VAL B 40 7.52 -8.30 -29.64
C VAL B 40 7.86 -7.18 -30.63
N THR B 41 6.86 -6.50 -31.18
CA THR B 41 6.99 -5.39 -32.18
C THR B 41 7.98 -4.34 -31.63
N HIS B 42 7.65 -3.78 -30.46
CA HIS B 42 8.44 -2.73 -29.75
C HIS B 42 9.85 -3.24 -29.47
N TYR B 43 10.01 -4.52 -29.09
CA TYR B 43 11.32 -5.15 -28.74
C TYR B 43 12.18 -5.27 -30.00
N LEU B 44 11.67 -5.86 -31.09
CA LEU B 44 12.44 -6.02 -32.35
C LEU B 44 12.88 -4.64 -32.85
N ALA B 45 12.00 -3.65 -32.72
CA ALA B 45 12.24 -2.24 -33.12
C ALA B 45 13.11 -1.51 -32.07
N GLU B 46 13.62 -2.21 -31.06
CA GLU B 46 14.51 -1.61 -30.03
C GLU B 46 15.86 -2.36 -30.00
N GLY B 47 15.96 -3.48 -30.72
CA GLY B 47 17.23 -4.21 -30.96
C GLY B 47 17.39 -5.44 -30.09
N ALA B 48 16.30 -6.05 -29.64
CA ALA B 48 16.32 -7.32 -28.88
C ALA B 48 16.33 -8.49 -29.86
N THR B 49 16.87 -9.63 -29.44
CA THR B 49 16.51 -10.95 -30.02
C THR B 49 15.37 -11.46 -29.12
N VAL B 50 14.22 -11.74 -29.73
CA VAL B 50 13.00 -12.21 -29.03
C VAL B 50 12.77 -13.68 -29.39
N VAL B 51 12.50 -14.50 -28.36
CA VAL B 51 11.87 -15.84 -28.53
C VAL B 51 10.40 -15.70 -28.11
N MET B 52 9.50 -16.09 -29.01
CA MET B 52 8.03 -16.08 -28.85
C MET B 52 7.59 -17.46 -28.35
N THR B 53 6.90 -17.49 -27.21
CA THR B 53 6.43 -18.76 -26.60
C THR B 53 4.93 -18.91 -26.84
N GLY B 54 4.52 -20.08 -27.32
CA GLY B 54 3.10 -20.37 -27.56
C GLY B 54 2.84 -21.83 -27.33
N ARG B 55 1.63 -22.19 -26.89
CA ARG B 55 1.32 -23.63 -26.67
C ARG B 55 1.39 -24.36 -28.02
N THR B 56 0.88 -23.73 -29.07
CA THR B 56 0.82 -24.36 -30.42
C THR B 56 1.98 -23.89 -31.30
N PRO B 57 2.77 -24.79 -31.91
CA PRO B 57 3.82 -24.40 -32.85
C PRO B 57 3.31 -23.81 -34.17
N ASP B 58 2.04 -24.05 -34.53
CA ASP B 58 1.48 -23.58 -35.83
C ASP B 58 0.94 -22.16 -35.68
N ARG B 59 0.18 -21.88 -34.62
CA ARG B 59 -0.43 -20.54 -34.32
C ARG B 59 0.68 -19.55 -33.92
N THR B 60 1.75 -20.06 -33.30
CA THR B 60 2.89 -19.27 -32.79
C THR B 60 3.82 -18.93 -33.97
N LYS B 61 4.07 -19.89 -34.87
CA LYS B 61 4.90 -19.69 -36.10
C LYS B 61 4.19 -18.72 -37.06
N ALA B 62 2.88 -18.86 -37.23
CA ALA B 62 2.03 -17.94 -38.03
C ALA B 62 2.16 -16.52 -37.47
N ALA B 63 1.98 -16.36 -36.14
CA ALA B 63 2.06 -15.07 -35.41
C ALA B 63 3.46 -14.47 -35.56
N ALA B 64 4.47 -15.34 -35.62
CA ALA B 64 5.91 -15.00 -35.81
C ALA B 64 6.10 -14.41 -37.21
N ASP B 65 5.64 -15.12 -38.25
CA ASP B 65 5.88 -14.79 -39.69
C ASP B 65 5.13 -13.50 -40.08
N ALA B 66 3.91 -13.32 -39.57
CA ALA B 66 3.07 -12.12 -39.78
C ALA B 66 3.69 -10.91 -39.05
N LEU B 67 4.51 -11.16 -38.02
CA LEU B 67 5.29 -10.10 -37.32
C LEU B 67 6.52 -9.75 -38.17
N LEU B 68 7.17 -10.75 -38.77
CA LEU B 68 8.31 -10.59 -39.73
C LEU B 68 7.87 -9.69 -40.90
N LYS B 69 6.72 -10.00 -41.49
CA LYS B 69 6.05 -9.19 -42.55
C LYS B 69 5.96 -7.74 -42.06
N SER B 70 5.26 -7.51 -40.93
CA SER B 70 4.73 -6.21 -40.47
C SER B 70 5.84 -5.32 -39.89
N THR B 71 6.81 -5.88 -39.17
CA THR B 71 8.14 -5.24 -38.94
C THR B 71 9.01 -5.50 -40.18
N GLY B 72 10.29 -5.12 -40.14
CA GLY B 72 11.25 -5.42 -41.21
C GLY B 72 12.46 -6.14 -40.68
N ALA B 73 12.30 -6.90 -39.60
CA ALA B 73 13.41 -7.50 -38.81
C ALA B 73 13.92 -8.77 -39.49
N ASP B 74 15.15 -9.19 -39.14
CA ASP B 74 15.85 -10.36 -39.75
C ASP B 74 15.22 -11.64 -39.21
N PRO B 75 14.94 -12.67 -40.06
CA PRO B 75 14.41 -13.95 -39.57
C PRO B 75 15.16 -14.50 -38.35
N SER B 76 16.45 -14.13 -38.24
CA SER B 76 17.44 -14.59 -37.23
C SER B 76 17.18 -13.96 -35.86
N ARG B 77 16.62 -12.74 -35.84
CA ARG B 77 16.39 -11.93 -34.61
C ARG B 77 15.05 -12.32 -33.96
N LEU B 78 14.21 -13.09 -34.64
CA LEU B 78 12.93 -13.64 -34.10
C LEU B 78 13.00 -15.17 -34.08
N ALA B 79 12.71 -15.77 -32.94
CA ALA B 79 12.52 -17.23 -32.80
C ALA B 79 11.21 -17.53 -32.05
N THR B 80 10.72 -18.77 -32.19
CA THR B 80 9.54 -19.30 -31.45
C THR B 80 9.92 -20.60 -30.75
N VAL B 81 9.01 -21.15 -29.96
CA VAL B 81 9.19 -22.47 -29.30
C VAL B 81 7.88 -22.87 -28.61
N ALA B 82 7.67 -24.17 -28.46
CA ALA B 82 6.48 -24.79 -27.86
C ALA B 82 6.69 -24.98 -26.35
N LEU B 83 5.98 -24.21 -25.55
CA LEU B 83 6.00 -24.30 -24.07
C LEU B 83 4.56 -24.26 -23.56
N ASP B 84 4.23 -25.12 -22.59
CA ASP B 84 2.97 -25.04 -21.80
C ASP B 84 3.33 -25.14 -20.32
N GLY B 85 3.18 -24.04 -19.56
CA GLY B 85 3.15 -24.07 -18.08
C GLY B 85 2.17 -25.11 -17.59
N GLY B 86 2.38 -25.70 -16.43
CA GLY B 86 1.61 -26.88 -16.01
C GLY B 86 2.22 -28.17 -16.54
N ASP B 87 2.90 -28.12 -17.70
CA ASP B 87 3.75 -29.24 -18.22
C ASP B 87 5.21 -28.81 -18.13
N ILE B 88 5.83 -29.00 -16.96
CA ILE B 88 7.25 -28.66 -16.67
C ILE B 88 8.20 -29.44 -17.59
N ALA B 89 7.80 -30.62 -18.08
CA ALA B 89 8.57 -31.44 -19.05
C ALA B 89 8.75 -30.65 -20.37
N SER B 90 7.76 -29.84 -20.72
CA SER B 90 7.73 -28.99 -21.94
C SER B 90 8.48 -27.67 -21.69
N VAL B 91 8.44 -27.14 -20.46
CA VAL B 91 9.08 -25.83 -20.09
C VAL B 91 10.60 -26.00 -20.06
N ARG B 92 11.09 -27.14 -19.55
CA ARG B 92 12.54 -27.46 -19.54
C ARG B 92 13.04 -27.73 -20.98
N ALA B 93 12.30 -28.51 -21.76
CA ALA B 93 12.64 -28.86 -23.17
C ALA B 93 12.61 -27.60 -24.05
N ALA B 94 11.89 -26.56 -23.63
CA ALA B 94 11.68 -25.29 -24.39
C ALA B 94 12.80 -24.30 -24.04
N ILE B 95 13.02 -24.04 -22.75
CA ILE B 95 14.13 -23.16 -22.28
C ILE B 95 15.43 -23.74 -22.85
N ALA B 96 15.70 -25.01 -22.60
CA ALA B 96 16.85 -25.74 -23.17
C ALA B 96 17.05 -25.27 -24.62
N GLU B 97 16.06 -25.49 -25.50
CA GLU B 97 16.14 -25.12 -26.95
C GLU B 97 16.52 -23.64 -27.08
N VAL B 98 16.14 -22.79 -26.11
CA VAL B 98 16.42 -21.30 -26.09
C VAL B 98 17.87 -21.05 -25.66
N VAL B 99 18.41 -21.91 -24.78
CA VAL B 99 19.80 -21.80 -24.25
C VAL B 99 20.76 -22.30 -25.34
N GLN B 100 20.60 -23.55 -25.80
CA GLN B 100 21.37 -24.11 -26.96
C GLN B 100 21.42 -23.04 -28.05
N LYS B 101 20.27 -22.48 -28.43
CA LYS B 101 20.12 -21.59 -29.61
C LYS B 101 20.81 -20.24 -29.34
N PHE B 102 20.61 -19.61 -28.18
CA PHE B 102 21.02 -18.19 -27.92
C PHE B 102 21.93 -18.04 -26.69
N GLY B 103 21.95 -19.00 -25.77
CA GLY B 103 22.97 -19.09 -24.71
C GLY B 103 22.62 -18.37 -23.42
N ARG B 104 21.51 -17.64 -23.36
CA ARG B 104 21.09 -16.98 -22.10
C ARG B 104 19.71 -16.33 -22.26
N ILE B 105 19.14 -15.86 -21.14
CA ILE B 105 17.84 -15.13 -21.08
C ILE B 105 18.08 -13.84 -20.30
N ASP B 106 18.25 -12.71 -20.99
CA ASP B 106 18.48 -11.38 -20.35
C ASP B 106 17.16 -10.79 -19.85
N ILE B 107 16.07 -10.96 -20.63
CA ILE B 107 14.70 -10.42 -20.36
C ILE B 107 13.69 -11.57 -20.44
N LEU B 108 13.03 -11.87 -19.31
CA LEU B 108 11.79 -12.68 -19.28
C LEU B 108 10.59 -11.73 -19.14
N VAL B 109 9.56 -11.99 -19.95
CA VAL B 109 8.24 -11.32 -19.89
C VAL B 109 7.20 -12.43 -19.77
N ASN B 110 6.73 -12.66 -18.55
CA ASN B 110 5.64 -13.61 -18.20
C ASN B 110 4.30 -12.94 -18.54
N ASN B 111 3.97 -12.98 -19.82
CA ASN B 111 2.74 -12.38 -20.36
C ASN B 111 1.70 -13.48 -20.52
N ALA B 112 2.11 -14.76 -20.61
CA ALA B 112 1.19 -15.92 -20.76
C ALA B 112 0.05 -15.86 -19.73
N GLY B 113 -1.17 -16.13 -20.20
CA GLY B 113 -2.39 -16.20 -19.38
C GLY B 113 -3.63 -16.48 -20.23
N SER B 114 -4.63 -17.09 -19.60
CA SER B 114 -5.91 -17.48 -20.26
C SER B 114 -7.07 -16.71 -19.60
N ALA B 115 -8.21 -16.64 -20.27
CA ALA B 115 -9.40 -15.91 -19.75
C ALA B 115 -9.94 -16.55 -18.47
N GLY B 116 -9.99 -17.87 -18.42
CA GLY B 116 -10.53 -18.62 -17.26
C GLY B 116 -12.01 -18.90 -17.45
N PRO B 117 -12.64 -19.86 -16.74
CA PRO B 117 -14.06 -20.06 -16.93
C PRO B 117 -14.73 -18.75 -16.50
N LYS B 118 -15.56 -18.18 -17.37
CA LYS B 118 -16.28 -16.92 -17.07
C LYS B 118 -17.63 -17.26 -16.43
N GLN B 119 -17.59 -17.87 -15.25
CA GLN B 119 -18.81 -18.27 -14.51
C GLN B 119 -18.74 -17.68 -13.11
N PRO B 120 -19.88 -17.48 -12.43
CA PRO B 120 -19.90 -16.97 -11.06
C PRO B 120 -19.43 -18.07 -10.09
N ILE B 121 -19.12 -17.70 -8.85
CA ILE B 121 -18.53 -18.65 -7.86
C ILE B 121 -19.42 -19.89 -7.69
N GLU B 122 -20.73 -19.74 -7.67
CA GLU B 122 -21.66 -20.90 -7.53
C GLU B 122 -21.56 -21.89 -8.71
N ASN B 123 -21.19 -21.46 -9.92
CA ASN B 123 -21.21 -22.42 -11.05
C ASN B 123 -19.83 -22.73 -11.68
N LEU B 124 -18.73 -22.53 -10.97
CA LEU B 124 -17.38 -22.84 -11.51
C LEU B 124 -17.28 -24.32 -11.85
N PRO B 125 -16.81 -24.70 -13.06
CA PRO B 125 -16.56 -26.11 -13.37
C PRO B 125 -15.24 -26.57 -12.71
N LEU B 126 -15.29 -27.60 -11.84
CA LEU B 126 -14.09 -28.13 -11.14
C LEU B 126 -13.64 -29.40 -11.85
N SER B 127 -14.54 -30.35 -12.09
CA SER B 127 -14.27 -31.62 -12.82
C SER B 127 -14.33 -31.40 -14.33
N PRO B 128 -13.65 -32.24 -15.16
CA PRO B 128 -13.76 -32.17 -16.63
C PRO B 128 -15.18 -32.43 -17.18
N GLU B 129 -15.92 -33.34 -16.54
CA GLU B 129 -17.34 -33.63 -16.88
C GLU B 129 -18.23 -32.42 -16.54
N GLU B 130 -17.90 -31.65 -15.49
CA GLU B 130 -18.68 -30.42 -15.13
C GLU B 130 -18.46 -29.34 -16.20
N LEU B 131 -17.29 -29.36 -16.84
CA LEU B 131 -16.89 -28.42 -17.93
C LEU B 131 -17.56 -28.84 -19.24
N ALA B 132 -17.54 -30.15 -19.56
CA ALA B 132 -18.22 -30.75 -20.72
C ALA B 132 -19.71 -30.38 -20.68
N ALA B 133 -20.28 -30.37 -19.45
CA ALA B 133 -21.69 -30.05 -19.13
C ALA B 133 -21.98 -28.56 -19.34
N LEU B 134 -20.97 -27.70 -19.23
CA LEU B 134 -21.04 -26.23 -19.50
C LEU B 134 -20.92 -25.94 -21.01
N GLN B 135 -20.31 -26.86 -21.76
CA GLN B 135 -20.15 -26.74 -23.23
C GLN B 135 -21.47 -27.13 -23.91
N LYS B 136 -22.31 -27.94 -23.22
CA LYS B 136 -23.66 -28.37 -23.69
C LYS B 136 -24.67 -27.21 -23.61
N THR B 137 -24.38 -26.15 -22.85
CA THR B 137 -25.24 -24.93 -22.73
C THR B 137 -24.63 -23.80 -23.59
N GLY B 138 -24.01 -24.16 -24.73
CA GLY B 138 -23.46 -23.25 -25.74
C GLY B 138 -22.48 -22.23 -25.16
N SER B 139 -21.88 -22.52 -24.01
CA SER B 139 -20.88 -21.62 -23.35
C SER B 139 -19.55 -21.74 -24.11
N THR B 140 -18.70 -20.73 -24.01
CA THR B 140 -17.36 -20.61 -24.67
C THR B 140 -16.23 -21.09 -23.73
N ASP B 141 -16.54 -21.33 -22.45
CA ASP B 141 -15.57 -21.77 -21.41
C ASP B 141 -14.93 -23.08 -21.86
N SER B 142 -13.59 -23.11 -21.98
CA SER B 142 -12.81 -24.30 -22.41
C SER B 142 -11.82 -24.73 -21.32
N GLU B 143 -12.03 -24.31 -20.06
CA GLU B 143 -11.09 -24.51 -18.92
C GLU B 143 -11.82 -25.02 -17.68
N THR B 144 -11.14 -25.82 -16.85
CA THR B 144 -11.51 -26.10 -15.43
C THR B 144 -10.88 -24.98 -14.58
N VAL B 145 -11.14 -24.90 -13.28
CA VAL B 145 -10.54 -23.89 -12.36
C VAL B 145 -9.04 -24.16 -12.20
N ALA B 146 -8.65 -25.43 -12.12
CA ALA B 146 -7.25 -25.92 -12.10
C ALA B 146 -6.57 -25.74 -13.47
N ASP B 147 -7.30 -25.80 -14.58
CA ASP B 147 -6.73 -25.56 -15.92
C ASP B 147 -6.34 -24.08 -15.96
N ALA B 148 -7.26 -23.20 -15.52
CA ALA B 148 -7.08 -21.73 -15.42
C ALA B 148 -5.90 -21.39 -14.48
N LEU B 149 -5.73 -22.15 -13.41
CA LEU B 149 -4.62 -21.95 -12.45
C LEU B 149 -3.30 -22.26 -13.16
N ARG B 150 -3.21 -23.45 -13.74
CA ARG B 150 -2.00 -23.93 -14.45
C ARG B 150 -1.71 -22.97 -15.60
N ASN B 151 -2.76 -22.41 -16.20
CA ASN B 151 -2.66 -21.57 -17.42
C ASN B 151 -2.29 -20.13 -17.06
N ILE B 152 -2.70 -19.61 -15.91
CA ILE B 152 -2.46 -18.19 -15.53
C ILE B 152 -1.31 -18.10 -14.53
N PHE B 153 -1.37 -18.93 -13.48
CA PHE B 153 -0.47 -18.88 -12.31
C PHE B 153 0.73 -19.81 -12.50
N GLY B 154 0.50 -21.00 -13.07
CA GLY B 154 1.49 -22.07 -13.27
C GLY B 154 2.56 -21.70 -14.28
N VAL B 155 2.19 -21.12 -15.43
CA VAL B 155 3.15 -20.71 -16.49
C VAL B 155 4.23 -19.82 -15.88
N ALA B 156 3.82 -18.74 -15.21
CA ALA B 156 4.71 -17.70 -14.63
C ALA B 156 5.68 -18.38 -13.66
N TRP B 157 5.16 -19.03 -12.62
CA TRP B 157 5.92 -19.81 -11.61
C TRP B 157 6.95 -20.71 -12.30
N ASN B 158 6.51 -21.54 -13.24
CA ASN B 158 7.35 -22.57 -13.92
C ASN B 158 8.38 -21.87 -14.81
N VAL B 159 7.92 -21.12 -15.80
CA VAL B 159 8.82 -20.48 -16.79
C VAL B 159 9.95 -19.77 -16.01
N ALA B 160 9.58 -18.99 -15.00
CA ALA B 160 10.50 -18.19 -14.14
C ALA B 160 11.62 -19.08 -13.58
N ARG B 161 11.23 -20.18 -12.94
CA ARG B 161 12.14 -21.06 -12.16
C ARG B 161 13.04 -21.83 -13.13
N VAL B 162 12.52 -22.29 -14.27
CA VAL B 162 13.30 -23.02 -15.32
C VAL B 162 14.26 -22.05 -16.02
N ALA B 163 13.98 -20.74 -15.96
CA ALA B 163 14.76 -19.72 -16.71
C ALA B 163 15.79 -19.00 -15.81
N ALA B 164 15.56 -18.91 -14.49
CA ALA B 164 16.36 -18.08 -13.54
C ALA B 164 17.84 -18.42 -13.58
N PRO B 165 18.25 -19.72 -13.57
CA PRO B 165 19.67 -20.07 -13.64
C PRO B 165 20.41 -19.67 -14.93
N HIS B 166 19.69 -19.43 -16.03
CA HIS B 166 20.23 -19.00 -17.34
C HIS B 166 20.07 -17.48 -17.49
N ILE B 167 19.50 -16.79 -16.48
CA ILE B 167 19.32 -15.30 -16.46
C ILE B 167 20.52 -14.66 -15.79
N PRO B 168 21.39 -13.97 -16.55
CA PRO B 168 22.62 -13.43 -15.99
C PRO B 168 22.35 -12.23 -15.09
N GLU B 169 23.36 -11.89 -14.29
CA GLU B 169 23.33 -10.77 -13.34
C GLU B 169 22.80 -9.55 -14.09
N GLY B 170 21.95 -8.75 -13.45
CA GLY B 170 21.41 -7.51 -14.01
C GLY B 170 20.29 -7.70 -15.03
N GLY B 171 19.88 -8.96 -15.30
CA GLY B 171 18.72 -9.32 -16.15
C GLY B 171 17.40 -8.87 -15.54
N SER B 172 16.30 -8.93 -16.30
CA SER B 172 14.95 -8.53 -15.80
C SER B 172 13.91 -9.62 -16.08
N ILE B 173 13.11 -9.91 -15.05
CA ILE B 173 11.79 -10.61 -15.17
C ILE B 173 10.68 -9.56 -15.04
N ILE B 174 9.71 -9.66 -15.95
CA ILE B 174 8.48 -8.82 -16.04
C ILE B 174 7.30 -9.77 -15.97
N ASN B 175 6.57 -9.76 -14.87
CA ASN B 175 5.35 -10.56 -14.67
C ASN B 175 4.14 -9.68 -14.96
N VAL B 176 3.37 -10.03 -16.01
CA VAL B 176 2.16 -9.27 -16.45
C VAL B 176 0.93 -9.79 -15.71
N SER B 177 0.53 -9.07 -14.67
CA SER B 177 -0.72 -9.28 -13.89
C SER B 177 -1.89 -8.68 -14.67
N THR B 178 -2.98 -8.31 -13.99
CA THR B 178 -4.08 -7.43 -14.47
C THR B 178 -4.53 -6.54 -13.32
N ILE B 179 -5.10 -5.37 -13.62
CA ILE B 179 -5.62 -4.48 -12.54
C ILE B 179 -6.82 -5.18 -11.88
N PHE B 180 -7.45 -6.07 -12.64
CA PHE B 180 -8.67 -6.78 -12.21
C PHE B 180 -8.37 -7.70 -11.04
N SER B 181 -7.08 -7.96 -10.77
CA SER B 181 -6.73 -8.80 -9.60
C SER B 181 -7.11 -8.10 -8.31
N ARG B 182 -6.99 -6.76 -8.30
CA ARG B 182 -7.25 -5.91 -7.10
C ARG B 182 -8.63 -5.25 -7.17
N THR B 183 -9.44 -5.57 -8.17
CA THR B 183 -10.79 -4.93 -8.30
C THR B 183 -11.86 -6.01 -8.45
N PRO B 184 -13.16 -5.69 -8.22
CA PRO B 184 -14.22 -6.68 -8.38
C PRO B 184 -14.42 -6.95 -9.88
N TYR B 185 -14.52 -8.23 -10.23
CA TYR B 185 -14.75 -8.64 -11.64
C TYR B 185 -15.80 -9.75 -11.64
N TYR B 186 -17.08 -9.38 -11.58
CA TYR B 186 -18.20 -10.35 -11.46
C TYR B 186 -18.11 -11.39 -12.57
N ALA B 187 -18.29 -12.66 -12.17
CA ALA B 187 -18.28 -13.90 -12.97
C ALA B 187 -16.86 -14.28 -13.43
N ARG B 188 -15.84 -13.69 -12.83
CA ARG B 188 -14.44 -14.01 -13.21
C ARG B 188 -13.62 -14.33 -11.95
N ALA B 189 -14.09 -15.27 -11.14
CA ALA B 189 -13.31 -15.71 -9.96
C ALA B 189 -12.09 -16.47 -10.46
N ALA B 190 -12.30 -17.27 -11.51
CA ALA B 190 -11.26 -18.13 -12.10
C ALA B 190 -10.09 -17.32 -12.63
N TYR B 191 -10.36 -16.21 -13.33
CA TYR B 191 -9.27 -15.39 -13.90
C TYR B 191 -8.44 -14.64 -12.86
N VAL B 192 -9.09 -13.92 -11.95
CA VAL B 192 -8.39 -13.00 -11.00
C VAL B 192 -7.57 -13.70 -9.90
N VAL B 193 -8.12 -14.72 -9.25
CA VAL B 193 -7.45 -15.29 -8.05
C VAL B 193 -6.12 -15.90 -8.47
N PRO B 194 -5.98 -16.58 -9.65
CA PRO B 194 -4.67 -17.05 -10.11
C PRO B 194 -3.71 -15.91 -10.46
N LYS B 195 -4.23 -14.73 -10.83
CA LYS B 195 -3.43 -13.48 -11.01
C LYS B 195 -3.04 -12.94 -9.63
N ALA B 196 -4.00 -12.84 -8.71
CA ALA B 196 -3.82 -12.33 -7.33
C ALA B 196 -2.73 -13.14 -6.62
N ALA B 197 -2.69 -14.45 -6.84
CA ALA B 197 -1.60 -15.32 -6.39
C ALA B 197 -0.29 -14.86 -7.04
N MET B 198 -0.21 -14.91 -8.37
CA MET B 198 1.02 -14.51 -9.10
C MET B 198 1.56 -13.21 -8.51
N ASN B 199 0.67 -12.24 -8.21
CA ASN B 199 1.01 -10.94 -7.58
C ASN B 199 2.00 -11.17 -6.42
N ALA B 200 1.59 -11.86 -5.36
CA ALA B 200 2.45 -12.15 -4.18
C ALA B 200 3.66 -12.99 -4.61
N TRP B 201 3.51 -13.93 -5.54
CA TRP B 201 4.63 -14.79 -6.00
C TRP B 201 5.69 -13.93 -6.69
N SER B 202 5.28 -13.00 -7.54
CA SER B 202 6.23 -12.07 -8.21
C SER B 202 7.08 -11.39 -7.13
N ARG B 203 6.45 -10.85 -6.09
CA ARG B 203 7.14 -10.18 -4.96
C ARG B 203 8.12 -11.17 -4.33
N GLU B 204 7.69 -12.40 -4.07
CA GLU B 204 8.53 -13.44 -3.40
C GLU B 204 9.69 -13.84 -4.32
N LEU B 205 9.46 -13.88 -5.63
CA LEU B 205 10.50 -14.21 -6.64
C LEU B 205 11.54 -13.10 -6.67
N SER B 206 11.10 -11.86 -6.44
CA SER B 206 11.97 -10.65 -6.33
C SER B 206 12.95 -10.83 -5.16
N LEU B 207 12.48 -11.38 -4.04
CA LEU B 207 13.25 -11.55 -2.77
C LEU B 207 14.29 -12.66 -2.90
N GLU B 208 14.04 -13.63 -3.79
CA GLU B 208 14.92 -14.81 -4.00
C GLU B 208 15.91 -14.52 -5.14
N LEU B 209 15.49 -13.76 -6.15
CA LEU B 209 16.31 -13.50 -7.38
C LEU B 209 16.91 -12.09 -7.34
N GLY B 210 16.50 -11.27 -6.35
CA GLY B 210 17.06 -9.94 -6.06
C GLY B 210 18.53 -10.00 -5.68
N PRO B 211 18.93 -10.66 -4.57
CA PRO B 211 20.35 -10.80 -4.22
C PRO B 211 21.23 -11.38 -5.34
N LYS B 212 20.68 -12.26 -6.20
CA LYS B 212 21.39 -12.85 -7.36
C LYS B 212 21.60 -11.80 -8.46
N GLY B 213 20.97 -10.63 -8.35
CA GLY B 213 21.20 -9.48 -9.25
C GLY B 213 20.17 -9.41 -10.35
N ILE B 214 19.14 -10.29 -10.30
CA ILE B 214 18.01 -10.39 -11.28
C ILE B 214 16.80 -9.60 -10.74
N ARG B 215 16.38 -8.55 -11.45
CA ARG B 215 15.18 -7.74 -11.10
C ARG B 215 13.90 -8.54 -11.33
N VAL B 216 12.94 -8.39 -10.44
CA VAL B 216 11.55 -8.90 -10.68
C VAL B 216 10.59 -7.75 -10.48
N ASN B 217 9.76 -7.50 -11.48
CA ASN B 217 8.82 -6.35 -11.54
C ASN B 217 7.50 -6.78 -12.17
N LEU B 218 6.43 -6.10 -11.77
CA LEU B 218 5.03 -6.55 -11.92
C LEU B 218 4.22 -5.50 -12.66
N VAL B 219 3.80 -5.80 -13.88
CA VAL B 219 2.97 -4.88 -14.71
C VAL B 219 1.49 -5.24 -14.52
N TYR B 220 0.69 -4.28 -14.04
CA TYR B 220 -0.78 -4.35 -13.91
C TYR B 220 -1.43 -3.61 -15.07
N PRO B 221 -1.56 -4.19 -16.29
CA PRO B 221 -2.29 -3.53 -17.36
C PRO B 221 -3.71 -3.33 -16.84
N GLY B 222 -4.26 -2.12 -16.96
CA GLY B 222 -5.70 -1.88 -16.79
C GLY B 222 -6.52 -2.60 -17.85
N PRO B 223 -7.82 -2.27 -18.00
CA PRO B 223 -8.60 -2.79 -19.12
C PRO B 223 -7.90 -2.25 -20.39
N ILE B 224 -7.59 -3.14 -21.34
CA ILE B 224 -6.87 -2.77 -22.60
C ILE B 224 -7.88 -2.27 -23.63
N GLU B 225 -7.59 -1.10 -24.23
CA GLU B 225 -8.33 -0.53 -25.41
C GLU B 225 -8.20 -1.48 -26.62
N SER B 226 -9.34 -1.80 -27.22
CA SER B 226 -9.52 -2.62 -28.44
C SER B 226 -10.87 -2.24 -29.04
N GLU B 227 -11.33 -2.96 -30.07
CA GLU B 227 -12.66 -2.73 -30.69
C GLU B 227 -13.70 -3.48 -29.86
N ARG B 228 -13.32 -4.62 -29.29
CA ARG B 228 -14.23 -5.62 -28.68
C ARG B 228 -14.67 -5.11 -27.29
N ILE B 229 -13.75 -4.51 -26.53
CA ILE B 229 -13.84 -4.34 -25.05
C ILE B 229 -15.16 -3.71 -24.61
N ARG B 230 -15.59 -2.59 -25.20
CA ARG B 230 -16.80 -1.89 -24.70
C ARG B 230 -18.02 -2.81 -24.86
N SER B 231 -17.96 -3.79 -25.78
CA SER B 231 -19.02 -4.80 -26.07
C SER B 231 -18.89 -6.01 -25.15
N VAL B 232 -17.66 -6.43 -24.89
CA VAL B 232 -17.35 -7.51 -23.90
C VAL B 232 -17.91 -7.10 -22.54
N PHE B 233 -17.77 -5.82 -22.17
CA PHE B 233 -18.30 -5.26 -20.90
C PHE B 233 -19.83 -5.19 -20.98
N ALA B 234 -20.36 -4.63 -22.07
CA ALA B 234 -21.82 -4.52 -22.24
C ALA B 234 -22.44 -5.91 -22.11
N ALA B 235 -21.67 -6.94 -22.52
CA ALA B 235 -22.07 -8.38 -22.53
C ALA B 235 -22.14 -8.92 -21.10
N MET B 236 -21.08 -8.66 -20.32
CA MET B 236 -20.97 -8.89 -18.85
C MET B 236 -22.11 -8.19 -18.11
N ASP B 237 -22.49 -6.98 -18.57
CA ASP B 237 -23.56 -6.13 -18.00
C ASP B 237 -24.90 -6.89 -18.11
N ALA B 238 -25.17 -7.44 -19.30
CA ALA B 238 -26.31 -8.36 -19.59
C ALA B 238 -26.27 -9.55 -18.63
N ALA B 239 -25.12 -10.14 -18.40
CA ALA B 239 -24.91 -11.28 -17.48
C ALA B 239 -25.68 -11.06 -16.18
N ARG B 240 -25.48 -9.92 -15.52
CA ARG B 240 -25.89 -9.71 -14.11
C ARG B 240 -27.25 -9.02 -14.06
N GLY B 241 -27.87 -8.79 -15.22
CA GLY B 241 -29.12 -8.02 -15.33
C GLY B 241 -28.90 -6.57 -14.95
N ASP B 242 -27.86 -5.95 -15.51
CA ASP B 242 -27.48 -4.53 -15.23
C ASP B 242 -27.56 -3.73 -16.52
N GLU B 243 -28.01 -2.48 -16.44
CA GLU B 243 -28.18 -1.54 -17.58
C GLU B 243 -26.85 -1.44 -18.33
N ALA B 244 -26.77 -1.89 -19.58
CA ALA B 244 -25.52 -1.96 -20.36
C ALA B 244 -24.66 -0.69 -20.13
N GLY B 245 -23.37 -0.87 -19.82
CA GLY B 245 -22.40 0.21 -19.57
C GLY B 245 -21.94 0.33 -18.11
N THR B 246 -22.51 -0.47 -17.19
CA THR B 246 -22.22 -0.40 -15.72
C THR B 246 -20.79 -0.83 -15.42
N THR B 247 -20.29 -1.85 -16.12
CA THR B 247 -18.91 -2.41 -16.02
C THR B 247 -17.91 -1.32 -16.40
N ALA B 248 -18.01 -0.77 -17.60
CA ALA B 248 -17.14 0.31 -18.09
C ALA B 248 -17.17 1.48 -17.08
N THR B 249 -18.35 2.01 -16.74
CA THR B 249 -18.51 3.19 -15.84
C THR B 249 -17.85 2.97 -14.46
N GLN B 250 -18.01 1.79 -13.87
CA GLN B 250 -17.28 1.36 -12.64
C GLN B 250 -15.82 1.82 -12.76
N PHE B 251 -15.11 1.25 -13.74
CA PHE B 251 -13.64 1.39 -13.93
C PHE B 251 -13.30 2.82 -14.32
N PHE B 252 -14.07 3.46 -15.21
CA PHE B 252 -13.89 4.90 -15.53
C PHE B 252 -13.90 5.73 -14.24
N ASP B 253 -14.82 5.40 -13.32
CA ASP B 253 -15.05 6.17 -12.06
C ASP B 253 -13.94 5.89 -11.02
N MET B 254 -13.15 4.82 -11.21
CA MET B 254 -11.93 4.53 -10.42
C MET B 254 -10.75 5.32 -11.02
N MET B 255 -10.75 5.51 -12.34
CA MET B 255 -9.70 6.26 -13.08
C MET B 255 -9.71 7.73 -12.63
N SER B 256 -8.53 8.30 -12.33
CA SER B 256 -8.34 9.74 -11.99
C SER B 256 -7.93 10.55 -13.23
N LEU B 257 -7.33 9.90 -14.24
CA LEU B 257 -6.72 10.53 -15.43
C LEU B 257 -7.67 10.42 -16.63
N GLU B 258 -7.86 11.53 -17.34
CA GLU B 258 -8.53 11.59 -18.67
C GLU B 258 -7.49 11.75 -19.78
N ARG B 259 -7.81 11.33 -21.00
CA ARG B 259 -6.83 11.22 -22.09
C ARG B 259 -7.51 11.18 -23.47
N ALA B 260 -6.95 11.90 -24.44
CA ALA B 260 -7.19 11.64 -25.89
C ALA B 260 -6.28 10.48 -26.33
N THR B 261 -6.88 9.39 -26.80
CA THR B 261 -6.23 8.30 -27.55
C THR B 261 -6.87 8.26 -28.95
N GLY B 262 -6.35 7.41 -29.84
CA GLY B 262 -6.90 7.13 -31.19
C GLY B 262 -7.41 8.35 -31.94
N GLY B 263 -7.00 9.58 -31.58
CA GLY B 263 -7.45 10.80 -32.26
C GLY B 263 -8.88 11.16 -31.90
N ASN B 264 -9.46 10.45 -30.93
CA ASN B 264 -10.66 10.90 -30.19
C ASN B 264 -10.25 12.03 -29.26
N GLU B 265 -11.21 12.64 -28.59
CA GLU B 265 -10.96 13.74 -27.62
C GLU B 265 -10.61 13.16 -26.26
N LYS B 266 -10.17 14.07 -25.37
CA LYS B 266 -9.90 13.77 -23.94
C LYS B 266 -11.18 13.29 -23.28
N ALA B 267 -11.17 12.06 -22.78
CA ALA B 267 -12.30 11.46 -22.03
C ALA B 267 -11.76 10.50 -20.96
N LYS B 268 -12.66 9.83 -20.26
CA LYS B 268 -12.34 8.55 -19.61
C LYS B 268 -12.23 7.51 -20.73
N THR B 269 -11.03 6.97 -20.97
CA THR B 269 -10.84 5.83 -21.90
C THR B 269 -9.91 4.85 -21.22
N PHE B 270 -9.68 3.72 -21.93
CA PHE B 270 -8.79 2.60 -21.54
C PHE B 270 -7.39 2.91 -22.04
N PRO B 271 -6.36 2.46 -21.31
CA PRO B 271 -4.99 2.43 -21.81
C PRO B 271 -4.83 1.54 -23.04
N THR B 272 -3.70 1.66 -23.76
CA THR B 272 -3.50 1.06 -25.09
C THR B 272 -2.58 -0.14 -24.97
N PRO B 273 -2.52 -1.04 -25.98
CA PRO B 273 -1.50 -2.07 -26.03
C PRO B 273 -0.09 -1.46 -26.14
N GLU B 274 0.00 -0.26 -26.73
CA GLU B 274 1.29 0.43 -26.99
C GLU B 274 1.86 0.92 -25.66
N ASP B 275 1.00 1.40 -24.75
CA ASP B 275 1.40 1.86 -23.39
C ASP B 275 2.06 0.72 -22.61
N ILE B 276 1.48 -0.49 -22.71
CA ILE B 276 1.96 -1.73 -22.05
C ILE B 276 3.31 -2.11 -22.67
N ALA B 277 3.40 -2.15 -24.00
CA ALA B 277 4.65 -2.45 -24.73
C ALA B 277 5.75 -1.51 -24.22
N THR B 278 5.56 -0.19 -24.30
CA THR B 278 6.59 0.85 -24.02
C THR B 278 7.10 0.70 -22.57
N THR B 279 6.29 0.11 -21.69
CA THR B 279 6.65 -0.21 -20.28
C THR B 279 7.59 -1.43 -20.28
N CYS B 280 7.19 -2.54 -20.91
CA CYS B 280 8.02 -3.77 -21.08
C CYS B 280 9.36 -3.47 -21.79
N VAL B 281 9.40 -2.46 -22.66
CA VAL B 281 10.67 -1.93 -23.23
C VAL B 281 11.47 -1.26 -22.11
N PHE B 282 10.83 -0.40 -21.29
CA PHE B 282 11.47 0.34 -20.18
C PHE B 282 11.98 -0.62 -19.10
N LEU B 283 11.17 -1.63 -18.76
CA LEU B 283 11.43 -2.58 -17.64
C LEU B 283 12.53 -3.56 -18.05
N GLY B 284 12.50 -4.01 -19.32
CA GLY B 284 13.50 -4.90 -19.93
C GLY B 284 14.84 -4.22 -20.06
N SER B 285 14.83 -2.95 -20.47
CA SER B 285 16.05 -2.12 -20.69
C SER B 285 16.75 -1.91 -19.36
N ASP B 286 18.04 -1.57 -19.44
CA ASP B 286 18.89 -1.29 -18.26
C ASP B 286 18.50 0.05 -17.63
N GLU B 287 17.61 0.82 -18.25
CA GLU B 287 17.13 2.11 -17.69
C GLU B 287 16.43 1.86 -16.36
N SER B 288 15.95 0.64 -16.13
CA SER B 288 15.08 0.23 -14.99
C SER B 288 15.86 -0.64 -13.99
N ALA B 289 17.19 -0.69 -14.11
CA ALA B 289 18.07 -1.63 -13.36
C ALA B 289 18.09 -1.28 -11.88
N ALA B 290 17.45 -0.18 -11.46
CA ALA B 290 17.38 0.31 -10.06
C ALA B 290 16.13 -0.20 -9.37
N TYR B 291 15.14 -0.70 -10.12
CA TYR B 291 13.80 -1.16 -9.65
C TYR B 291 13.77 -2.66 -9.38
N ASN B 292 13.30 -3.07 -8.19
CA ASN B 292 13.00 -4.49 -7.86
C ASN B 292 11.76 -4.60 -6.99
N GLY B 293 11.04 -5.72 -7.15
CA GLY B 293 9.73 -5.98 -6.56
C GLY B 293 8.78 -4.81 -6.76
N HIS B 294 8.91 -4.04 -7.85
CA HIS B 294 8.12 -2.79 -8.06
C HIS B 294 6.91 -3.09 -8.94
N ASP B 295 5.82 -2.36 -8.67
CA ASP B 295 4.48 -2.45 -9.31
C ASP B 295 4.33 -1.29 -10.30
N PHE B 296 3.91 -1.59 -11.54
CA PHE B 296 3.66 -0.62 -12.63
C PHE B 296 2.19 -0.76 -13.01
N GLU B 297 1.42 0.32 -12.82
CA GLU B 297 -0.06 0.29 -12.90
C GLU B 297 -0.50 1.15 -14.09
N VAL B 298 -0.60 0.53 -15.27
CA VAL B 298 -0.88 1.19 -16.57
C VAL B 298 -2.40 1.32 -16.69
N THR B 299 -3.01 2.09 -15.79
CA THR B 299 -4.48 2.04 -15.55
C THR B 299 -5.13 3.43 -15.58
N HIS B 300 -4.40 4.45 -16.04
CA HIS B 300 -5.00 5.80 -16.01
C HIS B 300 -5.27 6.20 -14.56
N GLY B 301 -4.36 5.84 -13.66
CA GLY B 301 -4.48 6.19 -12.24
C GLY B 301 -5.73 5.64 -11.61
N MET B 302 -6.11 4.40 -11.94
CA MET B 302 -7.31 3.82 -11.30
C MET B 302 -7.04 3.71 -9.81
N SER B 303 -7.98 4.19 -8.99
CA SER B 303 -7.76 4.20 -7.53
C SER B 303 -8.22 2.88 -6.91
N VAL B 304 -7.24 2.08 -6.48
CA VAL B 304 -7.38 0.76 -5.79
C VAL B 304 -6.33 0.72 -4.66
N ARG B 305 -6.48 -0.17 -3.69
CA ARG B 305 -5.49 -0.29 -2.59
C ARG B 305 -4.72 -1.62 -2.72
N LYS B 306 -3.46 -1.64 -2.28
CA LYS B 306 -2.56 -2.81 -2.36
C LYS B 306 -3.10 -3.99 -1.53
N GLU B 307 -3.58 -3.71 -0.32
CA GLU B 307 -4.15 -4.72 0.62
C GLU B 307 -5.28 -4.08 1.43
N GLN B 308 -6.54 -4.46 1.18
CA GLN B 308 -7.74 -3.87 1.85
C GLN B 308 -7.84 -4.47 3.26
N ARG B 309 -6.90 -4.09 4.14
CA ARG B 309 -6.63 -4.79 5.43
C ARG B 309 -6.73 -3.83 6.63
N SER B 310 -6.55 -4.41 7.82
CA SER B 310 -6.51 -3.77 9.16
C SER B 310 -5.95 -4.79 10.17
N THR B 311 -5.25 -4.36 11.22
CA THR B 311 -4.81 -5.25 12.34
C THR B 311 -5.79 -5.10 13.50
N TYR B 312 -6.05 -6.19 14.23
CA TYR B 312 -6.99 -6.22 15.38
C TYR B 312 -6.35 -5.50 16.56
N LEU B 313 -7.04 -4.51 17.12
CA LEU B 313 -6.54 -3.65 18.23
C LEU B 313 -7.42 -3.81 19.49
N ALA B 314 -7.93 -5.02 19.73
CA ALA B 314 -8.75 -5.35 20.91
C ALA B 314 -8.90 -6.87 21.04
N ARG B 315 -9.02 -7.35 22.28
CA ARG B 315 -9.27 -8.79 22.57
C ARG B 315 -10.69 -9.10 22.13
N PRO B 316 -10.94 -10.22 21.41
CA PRO B 316 -12.30 -10.59 21.03
C PRO B 316 -13.16 -10.92 22.27
N THR B 317 -13.94 -9.94 22.75
CA THR B 317 -14.84 -10.03 23.93
C THR B 317 -16.21 -10.54 23.46
N MET B 318 -16.55 -11.77 23.84
CA MET B 318 -17.67 -12.56 23.26
C MET B 318 -18.48 -13.11 24.44
N ARG B 319 -19.78 -13.37 24.25
CA ARG B 319 -20.70 -13.87 25.31
C ARG B 319 -21.01 -15.35 25.04
N SER B 320 -21.86 -15.97 25.87
CA SER B 320 -22.19 -17.44 25.87
C SER B 320 -23.53 -17.71 25.19
N MET B 321 -24.26 -16.66 24.80
CA MET B 321 -25.57 -16.72 24.10
C MET B 321 -25.44 -16.14 22.68
N ASP B 322 -24.24 -15.72 22.29
CA ASP B 322 -23.94 -15.17 20.94
C ASP B 322 -24.60 -16.05 19.86
N GLY B 323 -24.53 -17.39 19.99
CA GLY B 323 -24.73 -18.32 18.85
C GLY B 323 -25.97 -19.21 18.97
N THR B 324 -27.00 -18.75 19.70
CA THR B 324 -28.16 -19.59 20.08
C THR B 324 -29.15 -19.65 18.91
N GLY B 325 -29.11 -20.75 18.16
CA GLY B 325 -29.92 -20.97 16.94
C GLY B 325 -29.05 -21.17 15.71
N LEU B 326 -27.74 -20.91 15.83
CA LEU B 326 -26.77 -20.91 14.69
C LEU B 326 -25.96 -22.20 14.72
N ALA B 327 -25.50 -22.65 13.54
CA ALA B 327 -24.54 -23.78 13.38
C ALA B 327 -23.42 -23.38 12.42
N VAL B 328 -22.15 -23.48 12.85
CA VAL B 328 -20.92 -23.21 12.06
C VAL B 328 -20.48 -24.51 11.38
N LEU B 329 -19.98 -24.44 10.15
CA LEU B 329 -19.09 -25.49 9.61
C LEU B 329 -17.65 -25.04 9.79
N ILE B 330 -16.75 -25.95 10.14
CA ILE B 330 -15.28 -25.76 10.11
C ILE B 330 -14.70 -26.77 9.12
N ALA B 331 -14.31 -26.34 7.92
CA ALA B 331 -13.50 -27.17 7.01
C ALA B 331 -12.05 -27.17 7.52
N ALA B 332 -11.67 -28.25 8.21
CA ALA B 332 -10.32 -28.46 8.78
C ALA B 332 -9.35 -29.08 7.75
N GLY B 333 -8.06 -29.14 8.10
CA GLY B 333 -6.99 -29.73 7.27
C GLY B 333 -6.36 -30.95 7.93
N ASP B 334 -5.05 -31.17 7.75
CA ASP B 334 -4.34 -32.33 8.36
C ASP B 334 -4.33 -32.22 9.87
N ASP B 335 -3.96 -31.04 10.38
N ASP B 335 -3.97 -31.04 10.38
CA ASP B 335 -3.94 -30.75 11.84
CA ASP B 335 -3.93 -30.77 11.85
C ASP B 335 -5.40 -30.52 12.30
C ASP B 335 -5.38 -30.54 12.32
N TRP B 336 -6.14 -31.63 12.51
CA TRP B 336 -7.53 -31.61 13.00
C TRP B 336 -7.57 -31.07 14.43
N GLU B 337 -6.52 -31.39 15.20
CA GLU B 337 -6.33 -30.97 16.62
C GLU B 337 -6.56 -29.46 16.69
N GLU B 338 -5.85 -28.72 15.85
CA GLU B 338 -5.99 -27.24 15.73
C GLU B 338 -7.48 -26.88 15.58
N ALA B 339 -8.08 -27.31 14.47
CA ALA B 339 -9.47 -27.00 14.08
C ALA B 339 -10.35 -27.09 15.32
N LEU B 340 -10.20 -28.18 16.08
CA LEU B 340 -11.07 -28.51 17.23
C LEU B 340 -10.97 -27.41 18.31
N GLU B 341 -9.79 -26.79 18.45
CA GLU B 341 -9.55 -25.71 19.44
C GLU B 341 -10.45 -24.51 19.09
N ILE B 342 -10.51 -24.18 17.79
CA ILE B 342 -11.39 -23.12 17.22
C ILE B 342 -12.85 -23.55 17.46
N ALA B 343 -13.20 -24.75 17.01
CA ALA B 343 -14.50 -25.43 17.27
C ALA B 343 -14.91 -25.12 18.70
N GLN B 344 -14.00 -25.32 19.67
CA GLN B 344 -14.29 -25.28 21.13
C GLN B 344 -14.84 -23.91 21.52
N VAL B 345 -14.21 -22.83 21.07
CA VAL B 345 -14.60 -21.45 21.46
C VAL B 345 -15.96 -21.12 20.81
N GLN B 346 -16.26 -21.70 19.64
CA GLN B 346 -17.53 -21.51 18.88
C GLN B 346 -18.68 -22.10 19.71
N LEU B 347 -18.47 -23.31 20.22
CA LEU B 347 -19.42 -24.02 21.12
C LEU B 347 -19.58 -23.17 22.39
N ALA B 348 -18.48 -22.65 22.92
CA ALA B 348 -18.45 -21.81 24.13
C ALA B 348 -19.37 -20.60 23.94
N CYS B 349 -19.54 -20.12 22.72
CA CYS B 349 -20.44 -18.97 22.40
C CYS B 349 -21.90 -19.42 22.25
N GLY B 350 -22.19 -20.73 22.37
CA GLY B 350 -23.55 -21.31 22.39
C GLY B 350 -24.11 -21.60 21.00
N ALA B 351 -23.24 -21.86 20.02
CA ALA B 351 -23.58 -22.27 18.63
C ALA B 351 -23.28 -23.75 18.47
N GLN B 352 -23.98 -24.41 17.55
CA GLN B 352 -23.62 -25.77 17.07
C GLN B 352 -22.38 -25.67 16.17
N VAL B 353 -21.72 -26.81 15.94
CA VAL B 353 -20.44 -26.88 15.17
C VAL B 353 -20.44 -28.16 14.32
N VAL B 354 -19.87 -28.09 13.13
CA VAL B 354 -19.67 -29.30 12.27
C VAL B 354 -18.21 -29.36 11.84
N LEU B 355 -17.38 -29.98 12.68
CA LEU B 355 -15.93 -30.13 12.40
C LEU B 355 -15.74 -31.11 11.22
N GLY B 356 -15.56 -30.60 9.98
CA GLY B 356 -15.46 -31.43 8.76
C GLY B 356 -14.01 -31.74 8.37
N LEU B 357 -13.57 -32.97 8.62
CA LEU B 357 -12.15 -33.44 8.50
C LEU B 357 -11.94 -34.20 7.20
N PRO B 358 -10.80 -34.06 6.50
CA PRO B 358 -10.62 -34.65 5.16
C PRO B 358 -10.41 -36.17 5.13
N ARG B 359 -9.54 -36.71 5.98
CA ARG B 359 -9.44 -38.17 6.24
C ARG B 359 -10.60 -38.56 7.15
N ALA B 360 -11.11 -39.79 7.01
CA ALA B 360 -12.09 -40.43 7.92
C ALA B 360 -11.35 -41.04 9.13
N ALA B 361 -10.11 -41.50 8.92
CA ALA B 361 -9.15 -41.93 9.97
C ALA B 361 -9.24 -40.99 11.17
N ASP B 362 -9.14 -39.68 10.88
CA ASP B 362 -9.11 -38.55 11.85
C ASP B 362 -10.49 -38.35 12.49
N VAL B 363 -11.56 -38.92 11.93
CA VAL B 363 -12.95 -38.80 12.46
C VAL B 363 -13.11 -39.75 13.66
N ALA B 364 -12.50 -40.94 13.56
CA ALA B 364 -12.35 -41.88 14.69
C ALA B 364 -11.60 -41.15 15.81
N ILE B 365 -10.31 -40.87 15.59
CA ILE B 365 -9.32 -40.44 16.63
C ILE B 365 -9.93 -39.27 17.42
N ALA B 366 -10.59 -38.34 16.73
CA ALA B 366 -11.06 -37.05 17.28
C ALA B 366 -12.39 -37.24 18.02
N GLU B 367 -13.31 -38.03 17.46
CA GLU B 367 -14.67 -38.29 18.01
C GLU B 367 -14.53 -38.95 19.40
N LYS B 368 -13.48 -39.77 19.55
CA LYS B 368 -13.14 -40.47 20.82
C LYS B 368 -12.41 -39.49 21.75
N ARG B 369 -11.34 -38.85 21.26
CA ARG B 369 -10.57 -37.81 22.01
C ARG B 369 -11.50 -36.65 22.37
N CYS B 370 -12.66 -36.53 21.70
CA CYS B 370 -13.72 -35.54 22.02
C CYS B 370 -14.56 -36.00 23.21
N LYS B 371 -14.73 -37.31 23.34
CA LYS B 371 -15.43 -37.94 24.50
C LYS B 371 -14.55 -37.84 25.74
N ALA B 372 -13.22 -38.04 25.56
CA ALA B 372 -12.18 -37.87 26.62
C ALA B 372 -12.36 -36.50 27.31
N LEU B 373 -12.42 -35.41 26.53
CA LEU B 373 -12.54 -34.01 27.05
C LEU B 373 -13.98 -33.75 27.48
N GLY B 374 -14.96 -34.34 26.77
CA GLY B 374 -16.39 -34.27 27.12
C GLY B 374 -17.09 -33.07 26.48
N LEU B 375 -17.00 -32.98 25.15
CA LEU B 375 -17.56 -31.88 24.31
C LEU B 375 -18.76 -32.38 23.50
N THR B 376 -19.46 -33.39 24.00
CA THR B 376 -20.56 -34.04 23.23
C THR B 376 -21.73 -33.10 22.90
N GLU B 377 -21.92 -32.01 23.63
CA GLU B 377 -23.12 -31.18 23.33
C GLU B 377 -22.86 -30.16 22.23
N GLY B 378 -23.64 -30.26 21.15
CA GLY B 378 -23.66 -29.32 20.01
C GLY B 378 -22.59 -29.55 18.97
N LEU B 379 -21.68 -30.50 19.18
CA LEU B 379 -20.59 -30.71 18.19
C LEU B 379 -20.80 -32.04 17.49
N SER B 380 -20.78 -32.03 16.15
CA SER B 380 -20.91 -33.27 15.36
C SER B 380 -19.74 -33.37 14.39
N ILE B 381 -18.93 -34.42 14.48
CA ILE B 381 -17.74 -34.54 13.59
C ILE B 381 -18.08 -35.44 12.40
N ILE B 382 -17.80 -34.97 11.18
CA ILE B 382 -18.12 -35.69 9.91
C ILE B 382 -16.90 -35.64 8.99
N ARG B 383 -16.88 -36.52 7.98
CA ARG B 383 -15.82 -36.49 6.94
C ARG B 383 -16.22 -35.41 5.93
N PHE B 384 -15.30 -34.51 5.61
CA PHE B 384 -15.54 -33.32 4.74
C PHE B 384 -14.27 -33.00 3.95
N SER B 385 -14.25 -33.36 2.65
CA SER B 385 -13.04 -33.47 1.81
C SER B 385 -13.14 -32.49 0.63
N ARG B 386 -12.51 -31.32 0.73
CA ARG B 386 -12.58 -30.28 -0.34
C ARG B 386 -12.06 -30.84 -1.67
N LYS B 387 -11.29 -31.93 -1.66
CA LYS B 387 -10.82 -32.63 -2.90
C LYS B 387 -12.05 -33.02 -3.70
N ASP B 388 -13.02 -33.71 -3.06
CA ASP B 388 -14.29 -34.21 -3.68
C ASP B 388 -15.48 -33.40 -3.16
N PRO B 389 -16.04 -32.45 -3.96
CA PRO B 389 -17.12 -31.58 -3.49
C PRO B 389 -18.53 -32.23 -3.50
N ALA B 390 -18.82 -33.05 -4.51
CA ALA B 390 -20.09 -33.82 -4.65
C ALA B 390 -20.60 -34.22 -3.26
N ALA B 391 -19.73 -34.91 -2.51
CA ALA B 391 -19.92 -35.40 -1.11
C ALA B 391 -19.98 -34.23 -0.13
N MET B 392 -19.15 -33.21 -0.31
CA MET B 392 -19.18 -31.99 0.53
C MET B 392 -20.60 -31.42 0.53
N GLU B 393 -21.30 -31.54 -0.61
CA GLU B 393 -22.68 -31.01 -0.79
C GLU B 393 -23.63 -31.91 0.01
N ALA B 394 -23.70 -33.21 -0.37
CA ALA B 394 -24.41 -34.29 0.35
C ALA B 394 -24.27 -34.12 1.87
N ALA B 395 -23.04 -33.98 2.37
CA ALA B 395 -22.66 -33.95 3.80
C ALA B 395 -23.35 -32.79 4.53
N LEU B 396 -23.57 -31.69 3.82
CA LEU B 396 -24.21 -30.47 4.38
C LEU B 396 -25.73 -30.63 4.31
N GLU B 397 -26.21 -31.22 3.22
CA GLU B 397 -27.64 -31.64 3.09
C GLU B 397 -27.95 -32.53 4.29
N GLU B 398 -27.20 -33.62 4.47
CA GLU B 398 -27.36 -34.59 5.57
C GLU B 398 -27.39 -33.83 6.91
N TYR B 399 -26.37 -33.02 7.23
CA TYR B 399 -26.21 -32.38 8.57
C TYR B 399 -27.43 -31.52 8.92
N THR B 400 -27.90 -30.74 7.95
CA THR B 400 -29.07 -29.82 8.06
C THR B 400 -30.37 -30.60 8.26
N ARG B 401 -30.42 -31.91 7.98
CA ARG B 401 -31.67 -32.71 8.14
C ARG B 401 -32.03 -32.74 9.62
N GLY B 402 -31.04 -32.60 10.50
CA GLY B 402 -31.22 -32.37 11.94
C GLY B 402 -31.93 -31.05 12.22
N GLY B 403 -32.19 -30.28 11.17
CA GLY B 403 -33.15 -29.17 11.19
C GLY B 403 -32.53 -27.87 11.65
N THR B 404 -31.23 -27.82 11.91
CA THR B 404 -30.50 -26.52 12.05
C THR B 404 -29.63 -26.34 10.81
N PRO B 405 -29.77 -25.20 10.10
CA PRO B 405 -29.00 -24.92 8.90
C PRO B 405 -27.72 -24.13 9.23
N ILE B 406 -26.62 -24.50 8.55
CA ILE B 406 -25.28 -23.86 8.67
C ILE B 406 -25.41 -22.39 8.30
N SER B 407 -25.14 -21.49 9.24
CA SER B 407 -25.31 -20.02 9.14
C SER B 407 -23.96 -19.30 8.95
N GLY B 408 -22.85 -20.00 9.21
CA GLY B 408 -21.47 -19.46 9.09
C GLY B 408 -20.45 -20.55 8.85
N ALA B 409 -19.40 -20.29 8.05
CA ALA B 409 -18.50 -21.34 7.50
C ALA B 409 -17.02 -20.92 7.54
N LEU B 410 -16.30 -21.34 8.61
CA LEU B 410 -14.85 -21.08 8.82
C LEU B 410 -14.01 -22.11 8.06
N PHE B 411 -13.12 -21.65 7.20
CA PHE B 411 -12.31 -22.50 6.29
C PHE B 411 -10.84 -22.40 6.68
N MET B 412 -10.26 -23.55 7.04
CA MET B 412 -8.83 -23.71 7.39
C MET B 412 -8.05 -24.07 6.13
N PRO B 413 -6.72 -23.85 6.10
CA PRO B 413 -5.87 -24.35 5.03
C PRO B 413 -5.99 -25.87 4.86
N ALA B 414 -5.64 -26.37 3.67
CA ALA B 414 -5.77 -27.79 3.27
C ALA B 414 -4.62 -28.58 3.89
N LEU B 415 -3.40 -28.15 3.59
CA LEU B 415 -2.16 -28.91 3.87
C LEU B 415 -1.64 -28.50 5.24
N GLY B 416 -1.01 -29.43 5.96
CA GLY B 416 -0.41 -29.15 7.28
C GLY B 416 0.67 -28.08 7.19
N ALA B 417 0.76 -27.18 8.18
CA ALA B 417 1.80 -26.12 8.24
C ALA B 417 3.17 -26.76 8.01
N GLY B 418 4.02 -26.12 7.19
CA GLY B 418 5.37 -26.63 6.83
C GLY B 418 5.32 -27.66 5.72
N GLU B 419 4.13 -28.14 5.35
CA GLU B 419 3.95 -29.12 4.24
C GLU B 419 4.52 -28.45 2.98
N LEU B 420 4.02 -27.27 2.63
CA LEU B 420 4.58 -26.43 1.54
C LEU B 420 5.74 -25.64 2.12
N SER B 421 6.91 -25.77 1.49
CA SER B 421 8.17 -25.10 1.94
C SER B 421 9.19 -25.13 0.80
N GLY B 422 10.04 -24.10 0.74
CA GLY B 422 11.14 -23.98 -0.24
C GLY B 422 11.08 -22.70 -1.07
N ALA B 423 12.21 -22.29 -1.63
CA ALA B 423 12.31 -21.13 -2.56
C ALA B 423 11.41 -21.40 -3.75
N VAL B 424 10.83 -20.35 -4.32
CA VAL B 424 9.84 -20.51 -5.41
C VAL B 424 10.47 -21.23 -6.60
N THR B 425 11.68 -20.85 -7.01
CA THR B 425 12.39 -21.54 -8.12
C THR B 425 12.86 -22.93 -7.70
N GLU B 426 13.46 -23.00 -6.51
CA GLU B 426 14.04 -24.23 -5.91
C GLU B 426 12.96 -25.28 -5.58
N ALA B 427 11.77 -24.85 -5.15
CA ALA B 427 10.70 -25.77 -4.72
C ALA B 427 10.38 -26.78 -5.81
N GLU B 428 10.09 -28.03 -5.39
CA GLU B 428 9.88 -29.22 -6.27
C GLU B 428 8.60 -29.14 -7.12
N ASP B 429 8.54 -30.03 -8.11
CA ASP B 429 7.44 -30.11 -9.12
C ASP B 429 6.12 -30.37 -8.38
N ASN B 430 6.20 -30.95 -7.19
CA ASN B 430 5.08 -31.12 -6.23
C ASN B 430 4.68 -29.76 -5.63
N ALA B 431 5.67 -28.95 -5.26
CA ALA B 431 5.52 -27.70 -4.46
C ALA B 431 4.40 -26.85 -5.06
N VAL B 432 4.50 -26.59 -6.36
CA VAL B 432 3.60 -25.66 -7.11
C VAL B 432 2.24 -26.35 -7.36
N GLU B 433 2.31 -27.55 -7.93
CA GLU B 433 1.12 -28.35 -8.28
C GLU B 433 0.38 -28.67 -6.99
N ALA B 434 1.13 -29.06 -5.96
CA ALA B 434 0.45 -29.34 -4.69
C ALA B 434 -0.17 -28.03 -4.20
N LEU B 435 0.61 -26.94 -4.21
CA LEU B 435 0.08 -25.66 -3.69
C LEU B 435 -1.11 -25.23 -4.53
N MET B 436 -1.00 -25.28 -5.86
CA MET B 436 -2.10 -24.83 -6.76
C MET B 436 -3.37 -25.67 -6.54
N ASP B 437 -3.26 -26.99 -6.50
CA ASP B 437 -4.48 -27.84 -6.39
C ASP B 437 -5.14 -27.83 -5.00
N ALA B 438 -4.39 -28.08 -3.94
CA ALA B 438 -5.04 -28.15 -2.62
C ALA B 438 -5.48 -26.76 -2.14
N GLU B 439 -4.55 -25.81 -2.22
CA GLU B 439 -4.79 -24.43 -1.73
C GLU B 439 -5.73 -23.61 -2.63
N LEU B 440 -5.57 -23.63 -3.95
CA LEU B 440 -6.43 -22.70 -4.71
C LEU B 440 -7.74 -23.40 -5.01
N ALA B 441 -7.66 -24.69 -5.35
CA ALA B 441 -8.95 -25.29 -5.75
C ALA B 441 -9.80 -25.49 -4.52
N GLY B 442 -9.16 -25.80 -3.38
CA GLY B 442 -9.92 -26.04 -2.16
C GLY B 442 -10.67 -24.79 -1.80
N ASN B 443 -10.01 -23.63 -1.86
CA ASN B 443 -10.73 -22.39 -1.48
C ASN B 443 -11.89 -22.18 -2.44
N MET B 444 -11.67 -22.36 -3.74
CA MET B 444 -12.79 -22.13 -4.69
C MET B 444 -13.94 -23.11 -4.47
N ALA B 445 -13.62 -24.37 -4.21
CA ALA B 445 -14.61 -25.45 -4.01
C ALA B 445 -15.42 -25.14 -2.76
N LEU B 446 -14.76 -24.66 -1.71
CA LEU B 446 -15.48 -24.30 -0.46
C LEU B 446 -16.42 -23.13 -0.79
N ALA B 447 -15.92 -22.14 -1.52
CA ALA B 447 -16.74 -20.96 -1.86
C ALA B 447 -17.94 -21.34 -2.71
N ARG B 448 -17.74 -22.20 -3.70
CA ARG B 448 -18.83 -22.64 -4.63
C ARG B 448 -19.88 -23.41 -3.80
N THR B 449 -19.36 -24.33 -2.99
CA THR B 449 -20.11 -25.28 -2.12
C THR B 449 -20.97 -24.51 -1.13
N MET B 450 -20.42 -23.51 -0.44
CA MET B 450 -21.20 -22.70 0.54
C MET B 450 -22.12 -21.72 -0.18
N SER B 451 -21.75 -21.23 -1.37
CA SER B 451 -22.61 -20.36 -2.22
C SER B 451 -23.88 -21.14 -2.60
N ARG B 452 -23.68 -22.34 -3.17
CA ARG B 452 -24.75 -23.28 -3.60
C ARG B 452 -25.68 -23.60 -2.42
N TYR B 453 -25.12 -23.74 -1.22
CA TYR B 453 -25.87 -24.12 0.01
C TYR B 453 -26.67 -22.93 0.52
N TRP B 454 -26.17 -21.70 0.40
CA TRP B 454 -26.85 -20.49 0.93
C TRP B 454 -27.78 -19.89 -0.13
N LYS B 455 -27.72 -20.46 -1.33
CA LYS B 455 -28.77 -20.38 -2.39
C LYS B 455 -30.01 -21.12 -1.89
N ARG B 456 -29.86 -22.40 -1.53
CA ARG B 456 -30.97 -23.35 -1.18
C ARG B 456 -31.65 -22.92 0.13
N HIS B 457 -30.87 -22.83 1.19
CA HIS B 457 -31.33 -22.43 2.55
C HIS B 457 -31.02 -20.95 2.71
N ASP B 458 -31.95 -20.13 2.25
CA ASP B 458 -31.72 -18.70 2.01
C ASP B 458 -32.60 -17.89 2.98
N ASN B 459 -33.03 -18.45 4.11
CA ASN B 459 -33.88 -17.73 5.09
C ASN B 459 -33.25 -17.80 6.49
N LEU B 460 -31.93 -17.92 6.58
CA LEU B 460 -31.19 -18.06 7.87
C LEU B 460 -31.58 -16.93 8.82
N LEU B 461 -31.42 -17.14 10.13
CA LEU B 461 -31.74 -16.15 11.21
C LEU B 461 -30.94 -14.84 11.02
N GLN B 462 -29.62 -14.96 10.79
CA GLN B 462 -28.69 -13.86 10.38
C GLN B 462 -28.14 -14.15 8.98
N PRO B 463 -27.84 -13.12 8.16
CA PRO B 463 -27.29 -13.36 6.84
C PRO B 463 -26.01 -14.19 6.95
N PRO B 464 -25.69 -15.04 5.96
CA PRO B 464 -24.64 -16.05 6.10
C PRO B 464 -23.28 -15.37 6.04
N ARG B 465 -22.27 -15.95 6.72
CA ARG B 465 -20.95 -15.32 6.97
C ARG B 465 -19.84 -16.38 6.85
N PHE B 466 -18.88 -16.18 5.96
CA PHE B 466 -17.69 -17.06 5.86
C PHE B 466 -16.50 -16.33 6.49
N VAL B 467 -15.52 -17.10 6.97
CA VAL B 467 -14.18 -16.66 7.41
C VAL B 467 -13.19 -17.69 6.89
N PHE B 468 -12.28 -17.28 6.01
CA PHE B 468 -11.04 -18.04 5.70
C PHE B 468 -10.00 -17.79 6.82
N VAL B 469 -9.04 -18.71 7.03
CA VAL B 469 -7.96 -18.57 8.06
C VAL B 469 -6.63 -19.04 7.43
N SER B 470 -5.55 -18.24 7.62
CA SER B 470 -4.15 -18.58 7.25
C SER B 470 -3.56 -19.60 8.25
N HIS B 471 -2.41 -20.19 7.94
CA HIS B 471 -1.57 -20.92 8.93
C HIS B 471 -1.00 -19.90 9.92
N ALA B 472 -0.52 -20.36 11.07
CA ALA B 472 0.43 -19.59 11.90
C ALA B 472 1.74 -19.50 11.11
N SER B 473 2.74 -18.81 11.66
CA SER B 473 4.05 -18.54 11.00
C SER B 473 4.86 -19.83 10.89
N ASP B 474 5.12 -20.31 9.67
CA ASP B 474 5.95 -21.52 9.48
C ASP B 474 7.40 -21.17 9.86
N GLY B 475 7.73 -19.87 9.95
CA GLY B 475 9.02 -19.37 10.46
C GLY B 475 10.16 -19.58 9.48
N LYS B 476 9.84 -19.82 8.22
CA LYS B 476 10.77 -19.82 7.06
C LYS B 476 10.40 -18.62 6.18
N GLY B 477 9.70 -17.63 6.74
CA GLY B 477 9.35 -16.35 6.08
C GLY B 477 7.98 -16.40 5.40
N ASP B 478 7.16 -17.41 5.71
CA ASP B 478 5.74 -17.53 5.29
C ASP B 478 5.58 -17.20 3.80
N ILE B 479 6.40 -17.81 2.95
CA ILE B 479 6.41 -17.57 1.47
C ILE B 479 5.05 -18.00 0.91
N TYR B 480 4.56 -19.17 1.33
CA TYR B 480 3.27 -19.73 0.84
C TYR B 480 2.11 -19.08 1.60
N GLY B 481 2.32 -18.64 2.86
CA GLY B 481 1.36 -17.87 3.68
C GLY B 481 0.94 -16.58 3.00
N HIS B 482 1.91 -15.84 2.47
CA HIS B 482 1.71 -14.61 1.66
C HIS B 482 0.90 -14.91 0.38
N ILE B 483 1.39 -15.79 -0.50
CA ILE B 483 0.71 -16.13 -1.80
C ILE B 483 -0.78 -16.39 -1.51
N LEU B 484 -1.11 -17.24 -0.53
CA LEU B 484 -2.50 -17.70 -0.29
C LEU B 484 -3.35 -16.59 0.35
N ARG B 485 -2.72 -15.74 1.14
CA ARG B 485 -3.41 -14.54 1.70
C ARG B 485 -3.89 -13.65 0.56
N ALA B 486 -3.06 -13.51 -0.48
CA ALA B 486 -3.29 -12.66 -1.67
C ALA B 486 -4.48 -13.21 -2.45
N ALA B 487 -4.43 -14.50 -2.79
CA ALA B 487 -5.42 -15.19 -3.65
C ALA B 487 -6.76 -15.23 -2.92
N THR B 488 -6.73 -15.54 -1.63
CA THR B 488 -7.93 -15.58 -0.77
C THR B 488 -8.54 -14.18 -0.69
N GLU B 489 -7.71 -13.14 -0.50
CA GLU B 489 -8.21 -11.74 -0.35
C GLU B 489 -9.06 -11.39 -1.58
N GLN B 490 -8.62 -11.76 -2.78
CA GLN B 490 -9.38 -11.54 -4.04
C GLN B 490 -10.62 -12.43 -4.01
N LEU B 491 -10.48 -13.76 -3.88
CA LEU B 491 -11.66 -14.67 -3.88
C LEU B 491 -12.76 -14.08 -2.99
N ILE B 492 -12.42 -13.48 -1.84
CA ILE B 492 -13.41 -12.83 -0.93
C ILE B 492 -14.04 -11.63 -1.63
N ARG B 493 -13.26 -10.78 -2.30
CA ARG B 493 -13.78 -9.58 -3.01
C ARG B 493 -14.80 -10.03 -4.08
N ILE B 494 -14.47 -11.03 -4.90
CA ILE B 494 -15.36 -11.54 -5.98
C ILE B 494 -16.67 -12.00 -5.34
N TRP B 495 -16.57 -12.88 -4.33
CA TRP B 495 -17.69 -13.49 -3.55
C TRP B 495 -18.52 -12.38 -2.88
N ARG B 496 -17.91 -11.43 -2.17
CA ARG B 496 -18.66 -10.29 -1.57
C ARG B 496 -19.49 -9.60 -2.65
N ASP B 497 -18.88 -9.30 -3.81
CA ASP B 497 -19.51 -8.55 -4.92
C ASP B 497 -20.62 -9.40 -5.55
N GLU B 498 -20.26 -10.55 -6.11
CA GLU B 498 -21.18 -11.45 -6.84
C GLU B 498 -22.48 -11.61 -6.03
N SER B 499 -22.38 -11.83 -4.71
CA SER B 499 -23.53 -12.07 -3.80
C SER B 499 -24.29 -10.77 -3.56
N GLU B 500 -23.62 -9.62 -3.57
CA GLU B 500 -24.25 -8.31 -3.30
C GLU B 500 -25.00 -7.84 -4.55
N ILE B 501 -24.54 -8.23 -5.75
CA ILE B 501 -25.21 -7.90 -7.06
C ILE B 501 -26.39 -8.86 -7.28
N ASP B 502 -26.25 -10.15 -6.92
CA ASP B 502 -27.32 -11.17 -7.07
C ASP B 502 -28.47 -10.86 -6.12
N THR B 503 -28.14 -10.49 -4.88
CA THR B 503 -29.09 -10.09 -3.79
C THR B 503 -29.95 -8.91 -4.26
N ALA B 504 -29.31 -7.83 -4.74
CA ALA B 504 -29.99 -6.60 -5.18
C ALA B 504 -30.89 -6.85 -6.42
N HIS B 505 -30.66 -7.93 -7.19
CA HIS B 505 -31.41 -8.27 -8.43
C HIS B 505 -32.49 -9.33 -8.14
N GLY B 506 -32.71 -9.67 -6.88
CA GLY B 506 -33.78 -10.60 -6.44
C GLY B 506 -33.33 -12.05 -6.35
N ARG B 507 -32.24 -12.45 -7.01
CA ARG B 507 -31.84 -13.87 -7.24
C ARG B 507 -31.43 -14.58 -5.93
N ARG B 508 -31.08 -13.84 -4.87
CA ARG B 508 -30.93 -14.33 -3.47
C ARG B 508 -31.77 -13.43 -2.57
N ARG B 509 -32.08 -13.92 -1.37
CA ARG B 509 -32.75 -13.12 -0.32
C ARG B 509 -31.70 -12.57 0.64
N GLN B 510 -30.60 -13.30 0.80
CA GLN B 510 -29.55 -13.06 1.83
C GLN B 510 -28.19 -12.90 1.14
N ALA B 511 -27.51 -11.80 1.44
CA ALA B 511 -26.16 -11.47 0.92
C ALA B 511 -25.10 -12.11 1.83
N GLU B 512 -24.38 -13.08 1.26
CA GLU B 512 -23.16 -13.70 1.83
C GLU B 512 -22.14 -12.56 2.07
N TRP B 513 -21.49 -12.55 3.25
CA TRP B 513 -20.36 -11.64 3.60
C TRP B 513 -19.30 -12.40 4.41
N GLY B 514 -18.05 -11.96 4.37
CA GLY B 514 -16.97 -12.61 5.13
C GLY B 514 -15.64 -11.89 5.06
N ASN B 515 -14.64 -12.46 5.71
CA ASN B 515 -13.32 -11.84 5.99
C ASN B 515 -12.25 -12.92 5.85
N GLN B 516 -10.98 -12.55 5.99
CA GLN B 516 -9.82 -13.48 6.17
C GLN B 516 -9.01 -13.02 7.38
N ILE B 517 -8.66 -13.94 8.29
CA ILE B 517 -7.82 -13.62 9.48
C ILE B 517 -6.44 -14.21 9.21
N VAL B 518 -5.41 -13.36 9.25
CA VAL B 518 -3.98 -13.75 9.11
C VAL B 518 -3.41 -13.98 10.51
N ARG B 519 -2.99 -15.21 10.77
CA ARG B 519 -2.34 -15.63 12.04
C ARG B 519 -0.83 -15.36 11.99
N PHE B 520 -0.21 -15.34 10.80
CA PHE B 520 1.26 -15.56 10.69
C PHE B 520 2.04 -14.32 11.14
N THR B 521 1.35 -13.19 11.38
CA THR B 521 1.97 -11.95 11.93
C THR B 521 2.19 -12.05 13.44
N ASN B 522 1.78 -13.16 14.04
CA ASN B 522 1.90 -13.40 15.50
C ASN B 522 2.45 -14.80 15.76
N THR B 523 3.48 -14.93 16.60
CA THR B 523 4.08 -16.24 16.93
C THR B 523 3.77 -16.61 18.38
N GLU B 524 2.97 -15.78 19.05
CA GLU B 524 2.62 -15.98 20.49
C GLU B 524 1.78 -17.25 20.68
N ALA B 525 1.97 -17.90 21.82
CA ALA B 525 1.31 -19.16 22.21
C ALA B 525 -0.21 -18.98 22.25
N GLU B 526 -0.68 -17.81 22.69
CA GLU B 526 -2.12 -17.51 22.90
C GLU B 526 -2.85 -17.10 21.61
N ASN B 527 -2.17 -17.14 20.46
CA ASN B 527 -2.75 -16.70 19.17
C ASN B 527 -3.98 -17.49 18.74
N ILE B 528 -3.98 -18.82 18.83
CA ILE B 528 -5.14 -19.58 18.25
C ILE B 528 -6.47 -19.25 18.94
N ARG B 529 -6.48 -19.08 20.26
CA ARG B 529 -7.74 -18.80 20.99
C ARG B 529 -8.14 -17.35 20.72
N PHE B 530 -7.17 -16.53 20.30
CA PHE B 530 -7.43 -15.13 19.84
C PHE B 530 -8.05 -15.22 18.46
N THR B 531 -7.32 -15.78 17.48
CA THR B 531 -7.77 -16.04 16.08
C THR B 531 -9.21 -16.60 16.11
N ALA B 532 -9.40 -17.71 16.85
CA ALA B 532 -10.66 -18.45 17.03
C ALA B 532 -11.69 -17.60 17.78
N GLY B 533 -11.24 -16.82 18.78
CA GLY B 533 -12.09 -15.81 19.44
C GLY B 533 -12.74 -14.91 18.41
N HIS B 534 -11.93 -14.19 17.63
CA HIS B 534 -12.39 -13.20 16.61
C HIS B 534 -13.18 -13.90 15.51
N ALA B 535 -12.80 -15.12 15.12
CA ALA B 535 -13.55 -15.96 14.15
C ALA B 535 -15.04 -16.00 14.53
N ALA B 536 -15.32 -16.18 15.83
CA ALA B 536 -16.67 -16.29 16.42
C ALA B 536 -17.39 -14.95 16.31
N ARG B 537 -16.71 -13.84 16.56
CA ARG B 537 -17.30 -12.48 16.49
C ARG B 537 -17.77 -12.22 15.06
N ILE B 538 -17.01 -12.67 14.04
CA ILE B 538 -17.39 -12.45 12.62
C ILE B 538 -18.62 -13.31 12.33
N LEU B 539 -18.60 -14.58 12.73
CA LEU B 539 -19.70 -15.53 12.42
C LEU B 539 -20.96 -15.15 13.23
N LEU B 540 -20.88 -15.19 14.55
CA LEU B 540 -22.09 -15.29 15.43
C LEU B 540 -22.70 -13.91 15.75
N LYS B 541 -21.92 -12.85 15.97
CA LYS B 541 -22.44 -11.47 16.22
C LYS B 541 -22.94 -10.85 14.90
N GLU B 542 -23.96 -9.99 14.96
CA GLU B 542 -24.58 -9.33 13.77
C GLU B 542 -23.70 -8.15 13.33
N SER B 543 -22.75 -8.43 12.43
CA SER B 543 -21.59 -7.57 12.08
C SER B 543 -21.41 -7.50 10.56
N LYS B 544 -20.72 -6.46 10.09
CA LYS B 544 -20.12 -6.39 8.73
C LYS B 544 -18.75 -5.71 8.84
N LEU B 545 -17.68 -6.45 8.56
CA LEU B 545 -16.28 -5.98 8.61
C LEU B 545 -15.85 -5.55 7.19
N GLY B 546 -15.73 -4.24 6.96
CA GLY B 546 -15.48 -3.63 5.64
C GLY B 546 -14.22 -4.19 5.02
N GLU B 547 -13.09 -4.02 5.71
CA GLU B 547 -11.75 -4.52 5.28
C GLU B 547 -11.87 -6.03 5.13
N ILE B 548 -11.26 -6.61 4.08
CA ILE B 548 -11.30 -8.07 3.85
C ILE B 548 -10.37 -8.78 4.84
N THR B 549 -9.07 -8.57 4.76
CA THR B 549 -8.04 -9.42 5.44
C THR B 549 -7.64 -8.72 6.74
N LEU B 550 -7.76 -9.38 7.90
CA LEU B 550 -7.64 -8.76 9.25
C LEU B 550 -6.54 -9.46 10.04
N TYR B 551 -5.42 -8.77 10.30
CA TYR B 551 -4.17 -9.38 10.83
C TYR B 551 -4.21 -9.42 12.35
N VAL B 552 -3.62 -10.47 12.91
CA VAL B 552 -3.38 -10.63 14.37
C VAL B 552 -2.13 -9.82 14.72
N PRO B 553 -2.18 -8.88 15.69
CA PRO B 553 -1.00 -8.07 16.01
C PRO B 553 0.17 -8.97 16.43
N ALA B 554 1.40 -8.47 16.26
CA ALA B 554 2.64 -9.19 16.63
C ALA B 554 2.53 -9.63 18.10
N ASN B 555 2.58 -8.67 19.04
CA ASN B 555 2.25 -8.87 20.48
C ASN B 555 0.77 -8.53 20.66
N ILE B 556 0.04 -9.34 21.43
CA ILE B 556 -1.42 -9.22 21.67
C ILE B 556 -1.65 -8.54 23.02
N GLY B 557 -0.93 -8.96 24.07
CA GLY B 557 -0.93 -8.26 25.37
C GLY B 557 -0.83 -6.76 25.18
N GLU B 558 0.22 -6.33 24.47
CA GLU B 558 0.54 -4.91 24.20
C GLU B 558 -0.60 -4.29 23.38
N ALA B 559 -0.85 -4.85 22.18
CA ALA B 559 -1.73 -4.29 21.12
C ALA B 559 -3.14 -4.01 21.64
N THR B 560 -3.59 -4.74 22.67
CA THR B 560 -4.94 -4.60 23.30
C THR B 560 -4.79 -4.06 24.73
N GLY B 561 -5.89 -4.04 25.48
CA GLY B 561 -5.88 -3.75 26.92
C GLY B 561 -5.06 -4.79 27.66
N ALA B 562 -5.57 -6.03 27.73
CA ALA B 562 -5.03 -7.12 28.57
C ALA B 562 -3.52 -7.26 28.36
#